data_2YZN
#
_entry.id   2YZN
#
_cell.length_a   167.720
_cell.length_b   56.708
_cell.length_c   141.826
_cell.angle_alpha   90.00
_cell.angle_beta   108.56
_cell.angle_gamma   90.00
#
_symmetry.space_group_name_H-M   'C 1 2 1'
#
loop_
_entity.id
_entity.type
_entity.pdbx_description
1 polymer 'D-alanine-D-alanine ligase'
2 non-polymer 'PHOSPHOAMINOPHOSPHONIC ACID-ADENYLATE ESTER'
3 water water
#
_entity_poly.entity_id   1
_entity_poly.type   'polypeptide(L)'
_entity_poly.pdbx_seq_one_letter_code
;MRVLLIAGGVSPEHEVSLLSAEGVLRHIPFPTDLAVIAQDGRWLLGEKALTALEAKAAPEGEHPFPPPLSWERYDVVFPL
LHGRFGEDGTVQGFLELLGKPYVGAGVAASALCMDKDLSKRVLAQAGVPVVPWVAVRKGEPPVVPFDPPFFVKPANTGSS
VGISRVERFQDLEAALALAFRYDEKAVVEKALSPVRELEVGVLGNVFGEASPVGEVRYEAPFYDYETKYTPGRAELLIPA
PLDPGTQETVQELALKAYKVLGVRGMARVDFFLAEGELYLNELNTIPGFTPTSMYPRLFEAGGVAYPELLRRLVELALT
;
_entity_poly.pdbx_strand_id   A,B,C
#
# COMPACT_ATOMS: atom_id res chain seq x y z
N MET A 1 0.80 -30.81 1.73
CA MET A 1 -0.31 -29.85 1.98
C MET A 1 -0.27 -29.37 3.43
N ARG A 2 -0.27 -28.05 3.61
CA ARG A 2 -0.29 -27.49 4.95
C ARG A 2 -1.34 -26.39 4.95
N VAL A 3 -2.20 -26.46 5.97
CA VAL A 3 -3.30 -25.51 6.12
C VAL A 3 -3.16 -24.62 7.34
N LEU A 4 -3.60 -23.39 7.17
CA LEU A 4 -3.61 -22.40 8.25
C LEU A 4 -5.09 -22.07 8.55
N LEU A 5 -5.46 -22.24 9.81
CA LEU A 5 -6.82 -21.98 10.28
C LEU A 5 -6.80 -20.66 11.06
N ILE A 6 -7.73 -19.74 10.75
CA ILE A 6 -7.78 -18.46 11.45
C ILE A 6 -9.11 -18.30 12.18
N ALA A 7 -9.07 -18.33 13.51
CA ALA A 7 -10.30 -18.19 14.27
C ALA A 7 -10.28 -17.06 15.29
N GLY A 8 -11.45 -16.79 15.88
CA GLY A 8 -11.61 -15.73 16.85
C GLY A 8 -12.31 -14.53 16.25
N GLY A 9 -11.62 -13.40 16.21
CA GLY A 9 -12.21 -12.21 15.64
C GLY A 9 -12.78 -11.22 16.64
N VAL A 10 -12.88 -9.97 16.23
CA VAL A 10 -13.41 -8.93 17.09
C VAL A 10 -14.94 -8.92 17.17
N SER A 11 -15.59 -9.66 16.27
CA SER A 11 -17.04 -9.73 16.25
C SER A 11 -17.65 -10.39 17.50
N PRO A 12 -18.98 -10.37 17.63
CA PRO A 12 -19.68 -10.98 18.77
C PRO A 12 -19.61 -12.51 18.74
N GLU A 13 -19.44 -13.08 17.55
CA GLU A 13 -19.38 -14.54 17.44
C GLU A 13 -18.00 -15.12 17.78
N HIS A 14 -17.18 -14.31 18.44
CA HIS A 14 -15.83 -14.71 18.82
C HIS A 14 -15.78 -16.10 19.45
N GLU A 15 -16.54 -16.29 20.54
CA GLU A 15 -16.57 -17.58 21.23
C GLU A 15 -16.95 -18.75 20.33
N VAL A 16 -17.95 -18.54 19.49
CA VAL A 16 -18.41 -19.59 18.59
C VAL A 16 -17.34 -19.89 17.54
N SER A 17 -16.56 -18.88 17.17
CA SER A 17 -15.49 -19.06 16.20
C SER A 17 -14.48 -20.09 16.73
N LEU A 18 -14.05 -19.90 17.98
CA LEU A 18 -13.10 -20.81 18.58
C LEU A 18 -13.59 -22.26 18.68
N LEU A 19 -14.87 -22.43 19.02
CA LEU A 19 -15.46 -23.77 19.13
C LEU A 19 -15.44 -24.41 17.75
N SER A 20 -15.71 -23.62 16.72
CA SER A 20 -15.68 -24.14 15.36
C SER A 20 -14.25 -24.61 15.04
N ALA A 21 -13.27 -23.75 15.33
CA ALA A 21 -11.86 -24.08 15.07
C ALA A 21 -11.45 -25.36 15.79
N GLU A 22 -12.06 -25.57 16.95
CA GLU A 22 -11.79 -26.75 17.77
C GLU A 22 -12.21 -28.00 17.02
N GLY A 23 -13.47 -28.01 16.57
CA GLY A 23 -13.96 -29.15 15.82
C GLY A 23 -13.14 -29.35 14.56
N VAL A 24 -12.99 -28.28 13.79
CA VAL A 24 -12.21 -28.31 12.57
C VAL A 24 -10.81 -28.86 12.81
N LEU A 25 -10.16 -28.33 13.85
CA LEU A 25 -8.80 -28.71 14.17
C LEU A 25 -8.68 -30.16 14.60
N ARG A 26 -9.73 -30.73 15.19
CA ARG A 26 -9.71 -32.12 15.63
C ARG A 26 -9.96 -33.14 14.53
N HIS A 27 -10.57 -32.73 13.42
CA HIS A 27 -10.88 -33.68 12.37
C HIS A 27 -10.32 -33.40 10.96
N ILE A 28 -9.76 -32.22 10.75
CA ILE A 28 -9.20 -31.87 9.45
C ILE A 28 -8.15 -32.90 9.06
N PRO A 29 -8.27 -33.51 7.86
CA PRO A 29 -7.32 -34.52 7.39
C PRO A 29 -6.06 -33.94 6.73
N PHE A 30 -5.48 -32.92 7.34
CA PHE A 30 -4.26 -32.29 6.81
C PHE A 30 -3.48 -31.64 7.95
N PRO A 31 -2.15 -31.52 7.79
CA PRO A 31 -1.38 -30.88 8.86
C PRO A 31 -1.90 -29.44 8.89
N THR A 32 -2.31 -28.97 10.07
CA THR A 32 -2.87 -27.64 10.20
C THR A 32 -2.35 -26.83 11.38
N ASP A 33 -2.02 -25.57 11.13
CA ASP A 33 -1.52 -24.66 12.17
C ASP A 33 -2.68 -23.71 12.52
N LEU A 34 -2.64 -23.12 13.71
CA LEU A 34 -3.70 -22.18 14.11
C LEU A 34 -3.22 -20.74 14.36
N ALA A 35 -3.99 -19.79 13.87
CA ALA A 35 -3.74 -18.36 14.05
C ALA A 35 -5.03 -17.87 14.70
N VAL A 36 -4.92 -17.04 15.73
CA VAL A 36 -6.11 -16.54 16.39
C VAL A 36 -6.17 -15.03 16.48
N ILE A 37 -7.35 -14.46 16.20
CA ILE A 37 -7.54 -13.02 16.30
C ILE A 37 -8.26 -12.74 17.61
N ALA A 38 -7.57 -12.15 18.58
CA ALA A 38 -8.20 -11.87 19.87
C ALA A 38 -9.24 -10.78 19.70
N GLN A 39 -10.10 -10.65 20.70
CA GLN A 39 -11.17 -9.65 20.64
C GLN A 39 -10.66 -8.23 20.48
N ASP A 40 -9.46 -7.94 20.99
CA ASP A 40 -8.91 -6.60 20.85
C ASP A 40 -8.40 -6.38 19.43
N GLY A 41 -8.44 -7.43 18.61
CA GLY A 41 -7.98 -7.30 17.24
C GLY A 41 -6.53 -7.68 16.99
N ARG A 42 -5.83 -8.12 18.03
CA ARG A 42 -4.44 -8.50 17.88
C ARG A 42 -4.30 -10.00 17.78
N TRP A 43 -3.39 -10.44 16.92
CA TRP A 43 -3.21 -11.87 16.70
C TRP A 43 -2.35 -12.61 17.70
N LEU A 44 -2.63 -13.91 17.81
CA LEU A 44 -1.91 -14.84 18.66
C LEU A 44 -1.42 -15.94 17.72
N LEU A 45 -0.14 -16.26 17.78
CA LEU A 45 0.38 -17.28 16.89
C LEU A 45 0.93 -18.45 17.67
N GLY A 46 1.34 -19.49 16.95
CA GLY A 46 1.89 -20.67 17.58
C GLY A 46 1.15 -21.14 18.82
N GLU A 47 1.91 -21.38 19.87
CA GLU A 47 1.37 -21.87 21.14
C GLU A 47 0.34 -20.99 21.81
N LYS A 48 0.55 -19.68 21.78
CA LYS A 48 -0.42 -18.79 22.39
C LYS A 48 -1.79 -19.03 21.77
N ALA A 49 -1.81 -19.22 20.45
CA ALA A 49 -3.06 -19.46 19.72
C ALA A 49 -3.76 -20.68 20.31
N LEU A 50 -3.10 -21.83 20.22
CA LEU A 50 -3.65 -23.07 20.77
C LEU A 50 -4.07 -22.93 22.23
N THR A 51 -3.34 -22.13 22.99
CA THR A 51 -3.67 -21.95 24.39
C THR A 51 -4.92 -21.10 24.56
N ALA A 52 -5.11 -20.14 23.67
CA ALA A 52 -6.29 -19.27 23.73
C ALA A 52 -7.50 -20.18 23.51
N LEU A 53 -7.31 -21.14 22.62
CA LEU A 53 -8.34 -22.10 22.26
C LEU A 53 -8.80 -22.91 23.47
N GLU A 54 -7.85 -23.32 24.29
CA GLU A 54 -8.16 -24.09 25.48
C GLU A 54 -9.09 -23.38 26.44
N ALA A 55 -8.90 -22.07 26.61
CA ALA A 55 -9.74 -21.30 27.52
C ALA A 55 -11.04 -20.85 26.86
N LYS A 56 -11.11 -21.02 25.55
CA LYS A 56 -12.31 -20.63 24.81
C LYS A 56 -12.68 -19.17 25.04
N ALA A 57 -11.88 -18.28 24.46
CA ALA A 57 -12.00 -16.82 24.53
C ALA A 57 -10.61 -16.22 24.61
N ALA A 58 -10.22 -15.47 23.60
CA ALA A 58 -8.92 -14.80 23.56
C ALA A 58 -9.18 -13.30 23.71
N PRO A 59 -9.13 -12.80 24.95
CA PRO A 59 -9.37 -11.38 25.22
C PRO A 59 -8.36 -10.48 24.51
N GLU A 60 -7.08 -10.82 24.69
CA GLU A 60 -6.01 -10.02 24.11
C GLU A 60 -5.03 -10.83 23.27
N GLY A 61 -4.41 -10.15 22.31
CA GLY A 61 -3.45 -10.78 21.43
C GLY A 61 -2.09 -10.15 21.61
N GLU A 62 -1.09 -10.62 20.89
CA GLU A 62 0.25 -10.08 21.01
C GLU A 62 0.68 -9.22 19.84
N HIS A 63 0.16 -9.51 18.64
CA HIS A 63 0.57 -8.78 17.43
C HIS A 63 -0.45 -7.93 16.68
N PRO A 64 -0.20 -6.63 16.55
CA PRO A 64 -1.15 -5.80 15.81
C PRO A 64 -1.18 -6.28 14.36
N PHE A 65 -2.24 -5.97 13.63
CA PHE A 65 -2.35 -6.40 12.24
C PHE A 65 -1.41 -5.54 11.43
N PRO A 66 -0.77 -6.12 10.39
CA PRO A 66 -0.85 -7.51 9.93
C PRO A 66 0.10 -8.42 10.72
N PRO A 67 -0.33 -9.63 11.04
CA PRO A 67 0.46 -10.60 11.81
C PRO A 67 1.73 -11.10 11.14
N PRO A 68 2.79 -11.37 11.94
CA PRO A 68 4.08 -11.87 11.47
C PRO A 68 3.98 -13.37 11.31
N LEU A 69 3.24 -13.79 10.29
CA LEU A 69 3.02 -15.19 9.98
C LEU A 69 3.79 -15.59 8.75
N SER A 70 4.27 -16.81 8.73
CA SER A 70 4.96 -17.28 7.54
C SER A 70 3.87 -17.86 6.61
N TRP A 71 3.19 -16.98 5.87
CA TRP A 71 2.15 -17.41 4.94
C TRP A 71 2.67 -18.47 3.97
N GLU A 72 3.94 -18.32 3.58
CA GLU A 72 4.62 -19.21 2.65
C GLU A 72 4.54 -20.67 3.07
N ARG A 73 4.48 -20.90 4.38
CA ARG A 73 4.40 -22.25 4.91
C ARG A 73 3.06 -22.93 4.65
N TYR A 74 2.11 -22.23 4.03
CA TYR A 74 0.79 -22.82 3.83
C TYR A 74 0.21 -22.79 2.42
N ASP A 75 -0.54 -23.83 2.08
CA ASP A 75 -1.15 -23.95 0.77
C ASP A 75 -2.54 -23.30 0.71
N VAL A 76 -3.25 -23.35 1.82
CA VAL A 76 -4.58 -22.79 1.88
C VAL A 76 -4.94 -22.20 3.26
N VAL A 77 -5.57 -21.01 3.25
CA VAL A 77 -6.01 -20.41 4.50
C VAL A 77 -7.52 -20.68 4.67
N PHE A 78 -7.86 -21.32 5.78
CA PHE A 78 -9.24 -21.65 6.10
C PHE A 78 -9.68 -20.63 7.16
N PRO A 79 -10.33 -19.54 6.75
CA PRO A 79 -10.77 -18.54 7.74
C PRO A 79 -12.07 -18.90 8.43
N LEU A 80 -12.04 -19.04 9.76
CA LEU A 80 -13.25 -19.36 10.51
C LEU A 80 -13.82 -18.20 11.32
N LEU A 81 -13.92 -17.02 10.72
CA LEU A 81 -14.44 -15.85 11.45
C LEU A 81 -15.86 -15.48 11.00
N HIS A 82 -16.72 -15.14 11.96
CA HIS A 82 -18.11 -14.78 11.65
C HIS A 82 -18.35 -13.27 11.74
N GLY A 83 -19.30 -12.75 10.95
CA GLY A 83 -19.63 -11.34 10.98
C GLY A 83 -18.58 -10.33 10.51
N ARG A 84 -18.61 -9.12 11.07
CA ARG A 84 -17.66 -8.07 10.71
C ARG A 84 -16.23 -8.63 10.69
N PHE A 85 -15.48 -8.28 9.65
CA PHE A 85 -14.13 -8.77 9.50
C PHE A 85 -14.18 -10.29 9.61
N GLY A 86 -15.07 -10.89 8.82
CA GLY A 86 -15.21 -12.34 8.83
C GLY A 86 -15.87 -12.85 7.57
N GLU A 87 -17.01 -12.28 7.23
CA GLU A 87 -17.75 -12.67 6.04
C GLU A 87 -17.96 -11.47 5.14
N ASP A 88 -17.47 -10.32 5.60
CA ASP A 88 -17.61 -9.07 4.85
C ASP A 88 -16.60 -8.91 3.74
N GLY A 89 -15.67 -9.85 3.63
CA GLY A 89 -14.68 -9.79 2.57
C GLY A 89 -13.41 -8.99 2.78
N THR A 90 -13.14 -8.55 4.01
CA THR A 90 -11.94 -7.76 4.27
C THR A 90 -10.75 -8.70 4.41
N VAL A 91 -10.90 -9.70 5.26
CA VAL A 91 -9.84 -10.66 5.44
C VAL A 91 -9.65 -11.37 4.09
N GLN A 92 -10.76 -11.64 3.41
CA GLN A 92 -10.68 -12.29 2.10
C GLN A 92 -9.86 -11.38 1.19
N GLY A 93 -10.15 -10.08 1.26
CA GLY A 93 -9.43 -9.12 0.46
C GLY A 93 -7.96 -9.08 0.83
N PHE A 94 -7.68 -9.17 2.13
CA PHE A 94 -6.29 -9.18 2.60
C PHE A 94 -5.61 -10.42 2.02
N LEU A 95 -6.31 -11.55 2.06
CA LEU A 95 -5.75 -12.81 1.53
C LEU A 95 -5.48 -12.78 0.02
N GLU A 96 -6.28 -12.01 -0.73
CA GLU A 96 -6.09 -11.89 -2.18
C GLU A 96 -4.75 -11.19 -2.42
N LEU A 97 -4.48 -10.14 -1.63
CA LEU A 97 -3.23 -9.41 -1.76
C LEU A 97 -2.09 -10.37 -1.40
N LEU A 98 -2.27 -11.16 -0.36
CA LEU A 98 -1.21 -12.09 0.00
C LEU A 98 -1.10 -13.16 -1.08
N GLY A 99 -2.12 -13.20 -1.95
CA GLY A 99 -2.13 -14.19 -3.01
C GLY A 99 -2.35 -15.61 -2.50
N LYS A 100 -2.79 -15.77 -1.26
CA LYS A 100 -3.01 -17.12 -0.71
C LYS A 100 -4.38 -17.70 -1.08
N PRO A 101 -4.43 -18.99 -1.43
CA PRO A 101 -5.75 -19.54 -1.76
C PRO A 101 -6.48 -19.77 -0.44
N TYR A 102 -7.74 -19.37 -0.35
CA TYR A 102 -8.48 -19.58 0.89
C TYR A 102 -9.82 -20.32 0.70
N VAL A 103 -10.34 -20.83 1.82
CA VAL A 103 -11.59 -21.55 1.85
C VAL A 103 -12.79 -20.59 1.83
N GLY A 104 -13.88 -21.00 1.18
CA GLY A 104 -15.08 -20.19 1.14
C GLY A 104 -15.20 -19.09 0.10
N ALA A 105 -16.21 -18.24 0.32
CA ALA A 105 -16.55 -17.13 -0.55
C ALA A 105 -15.54 -16.01 -0.72
N GLY A 106 -15.46 -15.51 -1.95
CA GLY A 106 -14.55 -14.43 -2.28
C GLY A 106 -15.04 -13.09 -1.77
N VAL A 107 -14.31 -12.02 -2.09
CA VAL A 107 -14.65 -10.68 -1.63
C VAL A 107 -16.10 -10.25 -1.93
N ALA A 108 -16.48 -10.27 -3.21
CA ALA A 108 -17.82 -9.88 -3.63
C ALA A 108 -18.95 -10.72 -2.99
N ALA A 109 -18.93 -12.03 -3.24
CA ALA A 109 -19.93 -12.90 -2.64
C ALA A 109 -20.02 -12.65 -1.13
N SER A 110 -18.87 -12.61 -0.45
CA SER A 110 -18.83 -12.36 0.99
C SER A 110 -19.48 -11.03 1.36
N ALA A 111 -19.12 -9.98 0.65
CA ALA A 111 -19.69 -8.67 0.95
C ALA A 111 -21.18 -8.64 0.67
N LEU A 112 -21.55 -9.09 -0.53
CA LEU A 112 -22.92 -9.13 -0.98
C LEU A 112 -23.85 -10.00 -0.12
N CYS A 113 -23.44 -11.23 0.17
CA CYS A 113 -24.28 -12.09 0.98
C CYS A 113 -24.43 -11.54 2.39
N MET A 114 -23.47 -10.73 2.81
CA MET A 114 -23.48 -10.14 4.15
C MET A 114 -24.43 -8.96 4.26
N ASP A 115 -24.89 -8.44 3.13
CA ASP A 115 -25.79 -7.30 3.14
C ASP A 115 -27.26 -7.70 2.89
N LYS A 116 -28.08 -7.60 3.94
CA LYS A 116 -29.49 -7.98 3.85
C LYS A 116 -30.35 -7.23 2.84
N ASP A 117 -29.79 -6.20 2.21
CA ASP A 117 -30.53 -5.44 1.20
C ASP A 117 -30.03 -5.82 -0.20
N LEU A 118 -28.74 -5.62 -0.44
CA LEU A 118 -28.13 -5.93 -1.72
C LEU A 118 -28.30 -7.39 -2.14
N SER A 119 -28.25 -8.30 -1.18
CA SER A 119 -28.41 -9.71 -1.49
C SER A 119 -29.84 -10.02 -1.95
N LYS A 120 -30.83 -9.43 -1.28
CA LYS A 120 -32.22 -9.64 -1.68
C LYS A 120 -32.43 -9.08 -3.10
N ARG A 121 -31.89 -7.89 -3.36
CA ARG A 121 -32.05 -7.30 -4.67
C ARG A 121 -31.52 -8.21 -5.77
N VAL A 122 -30.33 -8.76 -5.59
CA VAL A 122 -29.76 -9.65 -6.58
C VAL A 122 -30.58 -10.94 -6.74
N LEU A 123 -31.07 -11.48 -5.63
CA LEU A 123 -31.86 -12.70 -5.67
C LEU A 123 -33.23 -12.44 -6.31
N ALA A 124 -33.83 -11.30 -5.99
CA ALA A 124 -35.11 -10.93 -6.58
C ALA A 124 -34.99 -10.84 -8.10
N GLN A 125 -34.01 -10.06 -8.57
CA GLN A 125 -33.77 -9.90 -10.00
C GLN A 125 -33.50 -11.26 -10.67
N ALA A 126 -33.19 -12.26 -9.85
CA ALA A 126 -32.90 -13.59 -10.36
C ALA A 126 -34.12 -14.49 -10.28
N GLY A 127 -35.20 -13.97 -9.72
CA GLY A 127 -36.43 -14.75 -9.61
C GLY A 127 -36.43 -15.64 -8.40
N VAL A 128 -35.54 -15.37 -7.46
CA VAL A 128 -35.51 -16.17 -6.25
C VAL A 128 -36.48 -15.48 -5.32
N PRO A 129 -37.38 -16.24 -4.69
CA PRO A 129 -38.34 -15.61 -3.79
C PRO A 129 -37.75 -15.15 -2.47
N VAL A 130 -38.04 -13.91 -2.11
CA VAL A 130 -37.59 -13.33 -0.84
C VAL A 130 -38.76 -12.62 -0.16
N VAL A 131 -38.65 -12.42 1.15
CA VAL A 131 -39.71 -11.73 1.87
C VAL A 131 -39.75 -10.25 1.51
N PRO A 132 -40.95 -9.72 1.23
CA PRO A 132 -41.07 -8.30 0.89
C PRO A 132 -40.20 -7.49 1.84
N TRP A 133 -39.60 -6.43 1.34
CA TRP A 133 -38.73 -5.61 2.18
C TRP A 133 -38.42 -4.32 1.47
N VAL A 134 -37.81 -3.41 2.21
CA VAL A 134 -37.41 -2.14 1.67
C VAL A 134 -36.23 -1.68 2.51
N ALA A 135 -35.31 -0.95 1.89
CA ALA A 135 -34.15 -0.48 2.59
C ALA A 135 -34.42 0.95 3.07
N VAL A 136 -33.88 1.28 4.23
CA VAL A 136 -34.01 2.62 4.80
C VAL A 136 -32.64 3.07 5.28
N ARG A 137 -32.21 4.25 4.85
CA ARG A 137 -30.92 4.76 5.27
C ARG A 137 -31.10 5.90 6.24
N LYS A 138 -30.28 5.91 7.30
CA LYS A 138 -30.34 6.94 8.33
C LYS A 138 -30.51 8.35 7.77
N GLY A 139 -31.44 9.11 8.36
CA GLY A 139 -31.68 10.46 7.89
C GLY A 139 -32.34 10.42 6.52
N GLU A 140 -33.48 9.75 6.42
CA GLU A 140 -34.20 9.62 5.17
C GLU A 140 -35.56 9.03 5.47
N PRO A 141 -36.64 9.74 5.08
CA PRO A 141 -38.01 9.28 5.32
C PRO A 141 -38.33 7.88 4.76
N PRO A 142 -38.79 6.99 5.64
CA PRO A 142 -39.18 5.59 5.38
C PRO A 142 -40.40 5.49 4.47
N VAL A 143 -40.35 4.59 3.50
CA VAL A 143 -41.48 4.42 2.59
C VAL A 143 -41.80 2.94 2.48
N VAL A 144 -42.37 2.40 3.55
CA VAL A 144 -42.73 0.98 3.58
C VAL A 144 -44.01 0.68 2.79
N PRO A 145 -43.86 0.11 1.59
CA PRO A 145 -44.97 -0.24 0.68
C PRO A 145 -45.90 -1.37 1.15
N PHE A 146 -45.68 -1.88 2.35
CA PHE A 146 -46.52 -2.95 2.87
C PHE A 146 -46.89 -2.71 4.32
N ASP A 147 -48.03 -3.27 4.71
CA ASP A 147 -48.55 -3.14 6.08
C ASP A 147 -47.90 -4.04 7.09
N PRO A 148 -47.87 -3.59 8.36
CA PRO A 148 -47.27 -4.37 9.45
C PRO A 148 -48.03 -5.70 9.61
N PRO A 149 -47.54 -6.59 10.48
CA PRO A 149 -46.34 -6.35 11.28
C PRO A 149 -45.10 -6.57 10.41
N PHE A 150 -43.96 -6.12 10.90
CA PHE A 150 -42.73 -6.31 10.18
C PHE A 150 -41.49 -6.18 11.04
N PHE A 151 -40.42 -6.85 10.63
CA PHE A 151 -39.16 -6.82 11.36
C PHE A 151 -38.21 -5.75 10.81
N VAL A 152 -37.46 -5.14 11.71
CA VAL A 152 -36.50 -4.12 11.33
C VAL A 152 -35.12 -4.47 11.86
N LYS A 153 -34.24 -4.90 10.96
CA LYS A 153 -32.89 -5.30 11.32
C LYS A 153 -31.85 -4.41 10.64
N PRO A 154 -30.65 -4.31 11.22
CA PRO A 154 -29.66 -3.47 10.55
C PRO A 154 -29.23 -4.28 9.33
N ALA A 155 -28.82 -3.60 8.26
CA ALA A 155 -28.43 -4.28 7.03
C ALA A 155 -27.17 -5.17 7.08
N ASN A 156 -26.17 -4.78 7.86
CA ASN A 156 -24.93 -5.55 7.96
C ASN A 156 -24.49 -5.94 9.36
N THR A 157 -25.38 -5.93 10.33
CA THR A 157 -24.92 -6.27 11.67
C THR A 157 -25.62 -7.48 12.26
N SER A 160 -27.11 -10.19 15.17
CA SER A 160 -28.60 -10.24 15.32
C SER A 160 -29.08 -9.27 16.39
N VAL A 161 -28.38 -8.15 16.51
CA VAL A 161 -28.75 -7.13 17.50
C VAL A 161 -29.53 -6.04 16.78
N GLY A 162 -30.18 -5.18 17.55
CA GLY A 162 -30.94 -4.09 16.95
C GLY A 162 -32.17 -4.49 16.16
N ILE A 163 -32.48 -5.78 16.11
CA ILE A 163 -33.63 -6.27 15.38
C ILE A 163 -34.89 -6.23 16.24
N SER A 164 -35.86 -5.40 15.86
CA SER A 164 -37.09 -5.31 16.63
C SER A 164 -38.33 -5.62 15.78
N ARG A 165 -39.39 -6.05 16.45
CA ARG A 165 -40.63 -6.39 15.77
C ARG A 165 -41.56 -5.17 15.92
N VAL A 166 -42.05 -4.65 14.79
CA VAL A 166 -42.93 -3.49 14.82
C VAL A 166 -44.37 -3.88 14.49
N GLU A 167 -45.28 -3.51 15.38
CA GLU A 167 -46.70 -3.82 15.24
C GLU A 167 -47.46 -2.69 14.55
N ARG A 168 -47.09 -1.46 14.89
CA ARG A 168 -47.75 -0.27 14.35
C ARG A 168 -46.76 0.73 13.76
N PHE A 169 -47.15 1.36 12.66
CA PHE A 169 -46.30 2.35 12.01
C PHE A 169 -45.69 3.38 12.96
N GLN A 170 -46.49 3.89 13.88
CA GLN A 170 -46.00 4.89 14.82
C GLN A 170 -44.80 4.39 15.61
N ASP A 171 -44.53 3.10 15.49
CA ASP A 171 -43.43 2.49 16.19
C ASP A 171 -42.16 2.36 15.32
N LEU A 172 -42.36 2.39 14.01
CA LEU A 172 -41.27 2.26 13.05
C LEU A 172 -40.09 3.20 13.30
N GLU A 173 -40.38 4.47 13.61
CA GLU A 173 -39.32 5.44 13.84
C GLU A 173 -38.40 5.03 14.99
N ALA A 174 -38.95 4.25 15.92
CA ALA A 174 -38.20 3.77 17.08
C ALA A 174 -37.29 2.61 16.68
N ALA A 175 -37.85 1.63 15.98
CA ALA A 175 -37.08 0.48 15.52
C ALA A 175 -35.94 0.95 14.64
N LEU A 176 -36.22 1.93 13.80
CA LEU A 176 -35.24 2.48 12.89
C LEU A 176 -34.11 3.13 13.68
N ALA A 177 -34.47 4.09 14.54
CA ALA A 177 -33.46 4.76 15.36
C ALA A 177 -32.68 3.69 16.10
N LEU A 178 -33.39 2.68 16.59
CA LEU A 178 -32.74 1.57 17.30
C LEU A 178 -31.70 0.93 16.38
N ALA A 179 -32.13 0.53 15.19
CA ALA A 179 -31.27 -0.12 14.20
C ALA A 179 -30.09 0.73 13.72
N PHE A 180 -30.33 2.02 13.50
CA PHE A 180 -29.27 2.89 13.01
C PHE A 180 -28.09 3.05 13.97
N ARG A 181 -28.08 2.29 15.06
CA ARG A 181 -26.99 2.35 16.03
C ARG A 181 -26.11 1.11 15.84
N TYR A 182 -25.94 0.72 14.59
CA TYR A 182 -25.15 -0.44 14.21
C TYR A 182 -24.76 -0.29 12.76
N ASP A 183 -25.77 -0.12 11.91
CA ASP A 183 -25.56 0.03 10.49
C ASP A 183 -26.29 1.25 9.96
N GLU A 184 -25.61 2.02 9.13
CA GLU A 184 -26.19 3.24 8.56
C GLU A 184 -27.38 2.87 7.68
N LYS A 185 -27.52 1.58 7.39
CA LYS A 185 -28.60 1.08 6.55
C LYS A 185 -29.35 -0.06 7.21
N ALA A 186 -30.67 -0.05 7.07
CA ALA A 186 -31.49 -1.09 7.64
C ALA A 186 -32.53 -1.60 6.66
N VAL A 187 -33.15 -2.73 6.98
CA VAL A 187 -34.18 -3.29 6.13
C VAL A 187 -35.47 -3.52 6.91
N VAL A 188 -36.59 -3.22 6.28
CA VAL A 188 -37.89 -3.43 6.90
C VAL A 188 -38.47 -4.59 6.12
N GLU A 189 -38.65 -5.72 6.78
CA GLU A 189 -39.18 -6.93 6.14
C GLU A 189 -40.58 -7.25 6.62
N LYS A 190 -41.41 -7.78 5.73
CA LYS A 190 -42.78 -8.15 6.11
C LYS A 190 -42.73 -9.30 7.11
N ALA A 191 -43.24 -9.06 8.32
CA ALA A 191 -43.26 -10.08 9.37
C ALA A 191 -44.17 -11.22 8.91
N LEU A 192 -43.54 -12.34 8.57
CA LEU A 192 -44.22 -13.52 8.07
C LEU A 192 -44.70 -14.40 9.22
N SER A 193 -45.99 -14.76 9.21
CA SER A 193 -46.52 -15.60 10.27
C SER A 193 -47.76 -16.38 9.87
N PRO A 194 -47.80 -17.67 10.24
CA PRO A 194 -46.73 -18.34 10.98
C PRO A 194 -45.66 -18.83 10.02
N VAL A 195 -44.44 -19.05 10.52
CA VAL A 195 -43.36 -19.52 9.67
C VAL A 195 -42.57 -20.67 10.25
N ARG A 196 -42.03 -21.49 9.36
CA ARG A 196 -41.18 -22.60 9.74
C ARG A 196 -39.84 -22.26 9.12
N GLU A 197 -38.77 -22.44 9.89
CA GLU A 197 -37.43 -22.15 9.42
C GLU A 197 -36.82 -23.40 8.81
N LEU A 198 -36.26 -23.26 7.63
CA LEU A 198 -35.64 -24.39 6.97
C LEU A 198 -34.19 -24.08 6.64
N GLU A 199 -33.35 -25.11 6.73
CA GLU A 199 -31.94 -24.94 6.45
C GLU A 199 -31.39 -26.00 5.50
N VAL A 200 -30.51 -25.56 4.61
CA VAL A 200 -29.89 -26.47 3.67
C VAL A 200 -28.47 -25.99 3.43
N GLY A 201 -27.53 -26.93 3.45
CA GLY A 201 -26.13 -26.59 3.21
C GLY A 201 -25.70 -26.80 1.77
N VAL A 202 -24.89 -25.89 1.22
CA VAL A 202 -24.36 -26.04 -0.13
C VAL A 202 -22.84 -26.23 -0.03
N LEU A 203 -22.29 -27.04 -0.94
CA LEU A 203 -20.85 -27.31 -0.96
C LEU A 203 -20.39 -27.31 -2.42
N GLY A 204 -19.25 -26.67 -2.69
CA GLY A 204 -18.71 -26.61 -4.04
C GLY A 204 -18.42 -25.17 -4.44
N ASN A 205 -17.92 -24.96 -5.65
CA ASN A 205 -17.66 -23.60 -6.10
C ASN A 205 -18.64 -23.24 -7.21
N VAL A 206 -19.51 -22.28 -6.92
CA VAL A 206 -20.52 -21.78 -7.85
C VAL A 206 -21.58 -22.83 -8.18
N PHE A 207 -21.15 -24.01 -8.63
CA PHE A 207 -22.06 -25.10 -8.95
C PHE A 207 -21.89 -26.12 -7.84
N GLY A 208 -22.79 -26.07 -6.87
CA GLY A 208 -22.67 -26.96 -5.73
C GLY A 208 -23.54 -28.19 -5.63
N GLU A 209 -23.40 -28.85 -4.49
CA GLU A 209 -24.12 -30.05 -4.16
C GLU A 209 -24.95 -29.70 -2.93
N ALA A 210 -26.28 -29.78 -3.02
CA ALA A 210 -27.12 -29.45 -1.87
C ALA A 210 -27.12 -30.60 -0.88
N SER A 211 -27.55 -30.30 0.32
CA SER A 211 -27.60 -31.30 1.37
C SER A 211 -29.07 -31.52 1.74
N PRO A 212 -29.32 -32.49 2.61
CA PRO A 212 -30.70 -32.72 3.01
C PRO A 212 -31.19 -31.45 3.70
N VAL A 213 -32.48 -31.16 3.60
CA VAL A 213 -33.04 -29.97 4.23
C VAL A 213 -33.27 -30.26 5.70
N GLY A 214 -32.95 -29.29 6.55
CA GLY A 214 -33.14 -29.48 7.98
C GLY A 214 -34.14 -28.46 8.46
N GLU A 215 -34.72 -28.68 9.64
CA GLU A 215 -35.68 -27.74 10.18
C GLU A 215 -35.34 -27.39 11.60
N VAL A 216 -35.55 -26.10 11.91
CA VAL A 216 -35.29 -25.52 13.21
C VAL A 216 -36.58 -25.19 13.94
N ARG A 217 -36.72 -25.70 15.16
CA ARG A 217 -37.88 -25.46 15.99
C ARG A 217 -37.37 -25.13 17.39
N TYR A 218 -38.05 -24.20 18.05
CA TYR A 218 -37.66 -23.78 19.39
C TYR A 218 -38.59 -24.35 20.46
N GLU A 219 -38.03 -24.72 21.60
CA GLU A 219 -38.79 -25.26 22.73
C GLU A 219 -38.54 -24.26 23.84
N ALA A 220 -39.60 -23.72 24.41
CA ALA A 220 -39.43 -22.74 25.46
C ALA A 220 -39.02 -23.41 26.76
N PRO A 221 -38.39 -22.64 27.68
CA PRO A 221 -37.98 -23.19 28.97
C PRO A 221 -39.27 -23.46 29.73
N PHE A 222 -39.27 -24.44 30.61
CA PHE A 222 -40.47 -24.73 31.37
C PHE A 222 -40.12 -25.49 32.64
N TYR A 223 -41.03 -25.47 33.61
CA TYR A 223 -40.83 -26.17 34.89
C TYR A 223 -41.59 -27.48 34.80
N ASP A 224 -40.89 -28.57 35.06
CA ASP A 224 -41.47 -29.90 34.99
C ASP A 224 -41.83 -30.38 36.40
N TYR A 225 -42.93 -31.13 36.49
CA TYR A 225 -43.38 -31.68 37.76
C TYR A 225 -42.30 -32.50 38.43
N GLU A 226 -41.87 -33.55 37.73
CA GLU A 226 -40.82 -34.47 38.22
C GLU A 226 -39.44 -33.82 38.00
N THR A 227 -39.17 -33.51 36.72
CA THR A 227 -37.90 -32.90 36.29
C THR A 227 -37.47 -31.55 36.91
N LYS A 228 -38.39 -30.60 36.99
CA LYS A 228 -38.13 -29.25 37.51
C LYS A 228 -37.77 -28.38 36.30
N TYR A 229 -36.89 -27.39 36.49
CA TYR A 229 -36.51 -26.50 35.40
C TYR A 229 -35.84 -27.20 34.21
N THR A 230 -36.24 -26.79 33.01
CA THR A 230 -35.70 -27.34 31.75
C THR A 230 -35.48 -26.15 30.82
N PRO A 231 -34.21 -25.81 30.53
CA PRO A 231 -33.84 -24.69 29.65
C PRO A 231 -34.46 -24.67 28.26
N GLY A 232 -34.45 -23.49 27.63
CA GLY A 232 -34.99 -23.35 26.30
C GLY A 232 -34.13 -24.24 25.43
N ARG A 233 -34.62 -24.60 24.24
CA ARG A 233 -33.82 -25.48 23.40
C ARG A 233 -34.09 -25.23 21.92
N ALA A 234 -33.09 -25.51 21.08
CA ALA A 234 -33.26 -25.37 19.64
C ALA A 234 -33.20 -26.79 19.08
N GLU A 235 -34.18 -27.13 18.26
CA GLU A 235 -34.21 -28.47 17.70
C GLU A 235 -33.84 -28.44 16.22
N LEU A 236 -33.00 -29.38 15.83
CA LEU A 236 -32.56 -29.48 14.44
C LEU A 236 -33.11 -30.79 13.91
N LEU A 237 -34.20 -30.72 13.15
CA LEU A 237 -34.82 -31.93 12.61
C LEU A 237 -34.32 -32.28 11.21
N ILE A 238 -33.46 -33.28 11.15
CA ILE A 238 -32.88 -33.73 9.88
C ILE A 238 -33.33 -35.15 9.51
N PRO A 239 -34.02 -35.27 8.36
CA PRO A 239 -34.35 -34.13 7.50
C PRO A 239 -35.61 -33.45 7.96
N ALA A 240 -35.97 -32.36 7.28
CA ALA A 240 -37.17 -31.61 7.62
C ALA A 240 -38.42 -32.37 7.22
N PRO A 241 -39.44 -32.41 8.10
CA PRO A 241 -40.70 -33.10 7.82
C PRO A 241 -41.47 -32.28 6.78
N LEU A 242 -41.16 -32.52 5.50
CA LEU A 242 -41.76 -31.80 4.38
C LEU A 242 -42.16 -32.77 3.30
N ASP A 243 -43.10 -32.38 2.46
CA ASP A 243 -43.50 -33.25 1.35
C ASP A 243 -42.45 -33.03 0.25
N PRO A 244 -41.97 -34.13 -0.38
CA PRO A 244 -40.96 -34.14 -1.44
C PRO A 244 -40.91 -32.93 -2.38
N GLY A 245 -42.06 -32.40 -2.74
CA GLY A 245 -42.07 -31.27 -3.64
C GLY A 245 -41.47 -30.01 -3.05
N THR A 246 -41.67 -29.82 -1.75
CA THR A 246 -41.13 -28.65 -1.06
C THR A 246 -39.64 -28.83 -0.81
N GLN A 247 -39.26 -30.03 -0.37
CA GLN A 247 -37.87 -30.36 -0.13
C GLN A 247 -37.10 -30.12 -1.43
N GLU A 248 -37.68 -30.58 -2.54
CA GLU A 248 -37.07 -30.44 -3.86
C GLU A 248 -36.86 -28.98 -4.24
N THR A 249 -37.88 -28.17 -4.04
CA THR A 249 -37.82 -26.75 -4.38
C THR A 249 -36.80 -25.98 -3.56
N VAL A 250 -36.89 -26.14 -2.25
CA VAL A 250 -35.99 -25.45 -1.36
C VAL A 250 -34.50 -25.75 -1.67
N GLN A 251 -34.20 -27.00 -2.04
CA GLN A 251 -32.81 -27.36 -2.37
C GLN A 251 -32.34 -26.72 -3.69
N GLU A 252 -33.16 -26.81 -4.73
CA GLU A 252 -32.81 -26.21 -6.00
C GLU A 252 -32.71 -24.71 -5.80
N LEU A 253 -33.61 -24.15 -5.00
CA LEU A 253 -33.60 -22.73 -4.74
C LEU A 253 -32.27 -22.36 -4.10
N ALA A 254 -31.75 -23.24 -3.25
CA ALA A 254 -30.47 -23.00 -2.59
C ALA A 254 -29.40 -22.95 -3.67
N LEU A 255 -29.33 -24.01 -4.47
CA LEU A 255 -28.36 -24.06 -5.53
C LEU A 255 -28.45 -22.85 -6.48
N LYS A 256 -29.68 -22.44 -6.81
CA LYS A 256 -29.88 -21.32 -7.72
C LYS A 256 -29.21 -20.05 -7.17
N ALA A 257 -29.54 -19.72 -5.93
CA ALA A 257 -29.01 -18.54 -5.26
C ALA A 257 -27.50 -18.61 -5.12
N TYR A 258 -26.99 -19.80 -4.79
CA TYR A 258 -25.57 -20.02 -4.63
C TYR A 258 -24.83 -19.66 -5.93
N LYS A 259 -25.37 -20.10 -7.06
CA LYS A 259 -24.78 -19.87 -8.37
C LYS A 259 -24.89 -18.42 -8.83
N VAL A 260 -25.98 -17.75 -8.50
CA VAL A 260 -26.16 -16.37 -8.91
C VAL A 260 -25.16 -15.48 -8.19
N LEU A 261 -25.02 -15.71 -6.89
CA LEU A 261 -24.09 -14.95 -6.08
C LEU A 261 -22.62 -15.36 -6.29
N GLY A 262 -22.39 -16.45 -7.01
CA GLY A 262 -21.03 -16.91 -7.25
C GLY A 262 -20.28 -17.36 -6.01
N VAL A 263 -21.00 -17.86 -5.01
CA VAL A 263 -20.38 -18.33 -3.77
C VAL A 263 -19.38 -19.45 -4.04
N ARG A 264 -18.35 -19.56 -3.20
CA ARG A 264 -17.33 -20.59 -3.35
C ARG A 264 -17.20 -21.37 -2.06
N GLY A 265 -16.80 -22.62 -2.18
CA GLY A 265 -16.60 -23.44 -1.01
C GLY A 265 -17.82 -23.92 -0.25
N MET A 266 -18.51 -23.04 0.46
CA MET A 266 -19.65 -23.48 1.25
C MET A 266 -20.67 -22.40 1.53
N ALA A 267 -21.81 -22.81 2.09
CA ALA A 267 -22.88 -21.88 2.47
C ALA A 267 -24.02 -22.60 3.16
N ARG A 268 -24.56 -21.95 4.20
CA ARG A 268 -25.69 -22.45 4.95
C ARG A 268 -26.81 -21.50 4.56
N VAL A 269 -27.77 -21.98 3.77
CA VAL A 269 -28.86 -21.15 3.30
C VAL A 269 -30.13 -21.34 4.14
N ASP A 270 -30.66 -20.24 4.66
CA ASP A 270 -31.84 -20.29 5.50
C ASP A 270 -33.10 -19.87 4.74
N PHE A 271 -34.21 -20.54 5.00
CA PHE A 271 -35.46 -20.18 4.35
C PHE A 271 -36.60 -20.08 5.37
N PHE A 272 -37.68 -19.40 4.98
CA PHE A 272 -38.86 -19.30 5.81
C PHE A 272 -39.94 -20.02 4.99
N LEU A 273 -40.71 -20.88 5.65
CA LEU A 273 -41.80 -21.58 4.99
C LEU A 273 -43.09 -21.08 5.63
N ALA A 274 -43.90 -20.40 4.84
CA ALA A 274 -45.17 -19.85 5.36
C ALA A 274 -46.25 -19.88 4.29
N GLU A 275 -47.41 -20.44 4.65
CA GLU A 275 -48.55 -20.52 3.74
C GLU A 275 -48.20 -21.40 2.53
N GLY A 276 -47.13 -22.19 2.65
CA GLY A 276 -46.73 -23.05 1.54
C GLY A 276 -45.80 -22.30 0.61
N GLU A 277 -45.50 -21.05 0.95
CA GLU A 277 -44.59 -20.23 0.16
C GLU A 277 -43.18 -20.23 0.76
N LEU A 278 -42.20 -20.60 -0.04
CA LEU A 278 -40.82 -20.61 0.43
C LEU A 278 -40.21 -19.23 0.24
N TYR A 279 -39.48 -18.75 1.23
CA TYR A 279 -38.84 -17.45 1.15
C TYR A 279 -37.38 -17.59 1.53
N LEU A 280 -36.48 -17.15 0.66
CA LEU A 280 -35.07 -17.27 0.99
C LEU A 280 -34.73 -16.13 1.95
N ASN A 281 -34.30 -16.50 3.15
CA ASN A 281 -33.95 -15.49 4.13
C ASN A 281 -32.52 -14.98 3.97
N GLU A 282 -31.53 -15.86 3.99
CA GLU A 282 -30.12 -15.46 3.85
C GLU A 282 -29.15 -16.62 3.61
N LEU A 283 -27.97 -16.27 3.11
CA LEU A 283 -26.89 -17.23 2.88
C LEU A 283 -25.74 -16.86 3.79
N ASN A 284 -25.24 -17.84 4.55
CA ASN A 284 -24.09 -17.61 5.42
C ASN A 284 -22.90 -18.26 4.75
N THR A 285 -21.92 -17.44 4.40
CA THR A 285 -20.74 -17.93 3.74
C THR A 285 -19.79 -18.68 4.65
N ILE A 286 -19.83 -18.39 5.95
CA ILE A 286 -19.00 -19.14 6.91
C ILE A 286 -19.85 -19.50 8.12
N PRO A 287 -20.49 -20.67 8.08
CA PRO A 287 -21.33 -21.14 9.18
C PRO A 287 -20.56 -21.83 10.32
N GLY A 288 -21.29 -22.18 11.37
CA GLY A 288 -20.66 -22.85 12.49
C GLY A 288 -20.08 -24.16 12.01
N PHE A 289 -18.98 -24.58 12.61
CA PHE A 289 -18.34 -25.83 12.21
C PHE A 289 -18.09 -26.79 13.35
N THR A 290 -18.88 -26.64 14.40
CA THR A 290 -18.81 -27.54 15.54
C THR A 290 -19.25 -28.87 14.93
N PRO A 291 -18.70 -30.00 15.42
CA PRO A 291 -19.17 -31.25 14.81
C PRO A 291 -20.69 -31.45 15.02
N THR A 292 -21.31 -30.51 15.76
CA THR A 292 -22.74 -30.54 16.04
C THR A 292 -23.47 -29.27 15.58
N SER A 293 -22.87 -28.51 14.67
CA SER A 293 -23.49 -27.30 14.14
C SER A 293 -24.42 -27.76 13.02
N MET A 294 -25.31 -26.89 12.58
CA MET A 294 -26.25 -27.29 11.53
C MET A 294 -25.57 -27.74 10.25
N TYR A 295 -24.72 -26.89 9.68
CA TYR A 295 -24.03 -27.22 8.43
C TYR A 295 -23.37 -28.60 8.42
N PRO A 296 -22.46 -28.88 9.36
CA PRO A 296 -21.83 -30.20 9.35
C PRO A 296 -22.79 -31.38 9.54
N ARG A 297 -23.77 -31.21 10.42
CA ARG A 297 -24.73 -32.28 10.66
C ARG A 297 -25.57 -32.49 9.41
N LEU A 298 -25.97 -31.39 8.77
CA LEU A 298 -26.76 -31.50 7.58
C LEU A 298 -26.03 -32.41 6.59
N PHE A 299 -24.74 -32.16 6.37
CA PHE A 299 -24.00 -32.95 5.42
C PHE A 299 -23.68 -34.38 5.83
N GLU A 300 -23.71 -34.65 7.14
CA GLU A 300 -23.49 -36.00 7.62
C GLU A 300 -24.71 -36.75 7.12
N ALA A 301 -25.87 -36.17 7.36
CA ALA A 301 -27.14 -36.74 6.92
C ALA A 301 -27.07 -36.96 5.42
N GLY A 302 -26.43 -36.02 4.72
CA GLY A 302 -26.28 -36.11 3.28
C GLY A 302 -25.20 -37.09 2.84
N GLY A 303 -24.67 -37.84 3.80
CA GLY A 303 -23.66 -38.83 3.46
C GLY A 303 -22.22 -38.39 3.32
N VAL A 304 -21.89 -37.22 3.85
CA VAL A 304 -20.52 -36.70 3.79
C VAL A 304 -19.99 -36.57 5.22
N ALA A 305 -19.10 -37.48 5.61
CA ALA A 305 -18.56 -37.42 6.96
C ALA A 305 -17.79 -36.11 7.20
N TYR A 306 -17.64 -35.77 8.47
CA TYR A 306 -16.95 -34.55 8.86
C TYR A 306 -15.57 -34.39 8.21
N PRO A 307 -14.63 -35.34 8.46
CA PRO A 307 -13.31 -35.18 7.83
C PRO A 307 -13.47 -35.00 6.34
N GLU A 308 -14.37 -35.78 5.75
CA GLU A 308 -14.59 -35.66 4.32
C GLU A 308 -15.08 -34.27 3.94
N LEU A 309 -15.97 -33.70 4.74
CA LEU A 309 -16.48 -32.36 4.45
C LEU A 309 -15.33 -31.34 4.50
N LEU A 310 -14.49 -31.49 5.50
CA LEU A 310 -13.34 -30.60 5.69
C LEU A 310 -12.39 -30.72 4.51
N ARG A 311 -12.08 -31.97 4.16
CA ARG A 311 -11.18 -32.28 3.07
C ARG A 311 -11.63 -31.61 1.79
N ARG A 312 -12.88 -31.82 1.41
CA ARG A 312 -13.43 -31.24 0.19
C ARG A 312 -13.37 -29.72 0.19
N LEU A 313 -13.66 -29.10 1.33
CA LEU A 313 -13.63 -27.65 1.45
C LEU A 313 -12.24 -27.10 1.13
N VAL A 314 -11.23 -27.68 1.79
CA VAL A 314 -9.83 -27.28 1.57
C VAL A 314 -9.46 -27.44 0.10
N GLU A 315 -9.68 -28.65 -0.40
CA GLU A 315 -9.39 -28.97 -1.79
C GLU A 315 -10.02 -27.99 -2.78
N LEU A 316 -11.25 -27.55 -2.49
CA LEU A 316 -11.96 -26.60 -3.34
C LEU A 316 -11.31 -25.22 -3.36
N ALA A 317 -10.56 -24.91 -2.32
CA ALA A 317 -9.87 -23.61 -2.20
C ALA A 317 -8.89 -23.45 -3.35
N LEU A 318 -8.36 -24.57 -3.83
CA LEU A 318 -7.42 -24.59 -4.95
C LEU A 318 -8.21 -24.79 -6.24
N THR A 319 -9.52 -24.78 -6.09
CA THR A 319 -10.49 -24.96 -7.19
C THR A 319 -10.30 -26.30 -7.88
N MET B 1 -3.19 16.70 10.33
CA MET B 1 -3.87 16.05 9.17
C MET B 1 -2.86 15.71 8.08
N ARG B 2 -2.35 14.49 8.12
CA ARG B 2 -1.39 14.06 7.10
C ARG B 2 -2.09 12.99 6.28
N VAL B 3 -1.84 12.99 4.97
CA VAL B 3 -2.46 12.05 4.06
C VAL B 3 -1.44 11.15 3.36
N LEU B 4 -1.86 9.91 3.10
CA LEU B 4 -1.03 8.93 2.41
C LEU B 4 -1.67 8.52 1.09
N LEU B 5 -0.90 8.67 0.01
CA LEU B 5 -1.34 8.31 -1.34
C LEU B 5 -0.65 7.03 -1.79
N ILE B 6 -1.43 6.08 -2.29
CA ILE B 6 -0.89 4.82 -2.78
C ILE B 6 -1.21 4.80 -4.26
N ALA B 7 -0.21 4.97 -5.10
CA ALA B 7 -0.42 4.97 -6.54
C ALA B 7 0.31 3.80 -7.14
N GLY B 8 0.20 3.63 -8.45
CA GLY B 8 0.86 2.52 -9.12
C GLY B 8 -0.10 1.36 -9.37
N GLY B 9 0.16 0.23 -8.73
CA GLY B 9 -0.67 -0.94 -8.88
C GLY B 9 -0.17 -1.92 -9.91
N VAL B 10 -0.66 -3.15 -9.85
CA VAL B 10 -0.27 -4.19 -10.80
C VAL B 10 -1.14 -4.25 -12.06
N SER B 11 -2.07 -3.32 -12.20
CA SER B 11 -2.96 -3.31 -13.36
C SER B 11 -2.40 -2.52 -14.54
N PRO B 12 -3.01 -2.66 -15.73
CA PRO B 12 -2.58 -1.95 -16.94
C PRO B 12 -2.69 -0.43 -16.84
N GLU B 13 -3.41 0.06 -15.84
CA GLU B 13 -3.58 1.49 -15.64
C GLU B 13 -2.50 2.08 -14.72
N HIS B 14 -1.47 1.27 -14.49
CA HIS B 14 -0.33 1.63 -13.64
C HIS B 14 0.23 3.02 -13.93
N GLU B 15 0.63 3.26 -15.18
CA GLU B 15 1.19 4.55 -15.57
C GLU B 15 0.23 5.71 -15.33
N VAL B 16 -1.04 5.52 -15.68
CA VAL B 16 -2.03 6.58 -15.47
C VAL B 16 -2.17 6.85 -13.98
N SER B 17 -2.08 5.78 -13.19
CA SER B 17 -2.19 5.89 -11.74
C SER B 17 -1.13 6.81 -11.20
N LEU B 18 0.11 6.62 -11.63
CA LEU B 18 1.22 7.46 -11.18
C LEU B 18 1.00 8.87 -11.72
N LEU B 19 0.50 8.96 -12.94
CA LEU B 19 0.23 10.24 -13.58
C LEU B 19 -0.80 11.04 -12.78
N SER B 20 -1.73 10.32 -12.15
CA SER B 20 -2.76 10.96 -11.34
C SER B 20 -2.16 11.39 -10.01
N ALA B 21 -1.29 10.55 -9.46
CA ALA B 21 -0.64 10.83 -8.18
C ALA B 21 0.12 12.15 -8.29
N GLU B 22 0.63 12.42 -9.49
CA GLU B 22 1.37 13.64 -9.72
C GLU B 22 0.48 14.85 -9.52
N GLY B 23 -0.70 14.84 -10.16
CA GLY B 23 -1.61 15.95 -10.02
C GLY B 23 -2.06 16.19 -8.60
N VAL B 24 -2.51 15.13 -7.94
CA VAL B 24 -2.98 15.20 -6.56
C VAL B 24 -1.91 15.75 -5.64
N LEU B 25 -0.77 15.07 -5.63
CA LEU B 25 0.37 15.44 -4.80
C LEU B 25 0.68 16.93 -4.92
N ARG B 26 0.63 17.46 -6.13
CA ARG B 26 0.91 18.87 -6.36
C ARG B 26 -0.11 19.83 -5.77
N HIS B 27 -1.39 19.62 -6.06
CA HIS B 27 -2.45 20.52 -5.59
C HIS B 27 -3.26 20.10 -4.38
N ILE B 28 -2.82 19.08 -3.65
CA ILE B 28 -3.57 18.64 -2.48
C ILE B 28 -3.30 19.52 -1.24
N PRO B 29 -4.34 20.17 -0.72
CA PRO B 29 -4.28 21.05 0.46
C PRO B 29 -4.00 20.36 1.79
N PHE B 30 -3.06 19.40 1.80
CA PHE B 30 -2.72 18.69 3.03
C PHE B 30 -1.29 18.15 2.92
N PRO B 31 -0.61 18.00 4.07
CA PRO B 31 0.75 17.46 3.99
C PRO B 31 0.50 16.02 3.53
N THR B 32 1.11 15.62 2.42
CA THR B 32 0.86 14.29 1.89
C THR B 32 2.08 13.45 1.51
N ASP B 33 2.10 12.21 2.00
CA ASP B 33 3.18 11.28 1.72
C ASP B 33 2.75 10.34 0.58
N LEU B 34 3.73 9.79 -0.14
CA LEU B 34 3.46 8.88 -1.24
C LEU B 34 4.02 7.49 -0.97
N ALA B 35 3.34 6.49 -1.52
CA ALA B 35 3.73 5.09 -1.42
C ALA B 35 3.41 4.54 -2.80
N VAL B 36 4.26 3.70 -3.35
CA VAL B 36 4.02 3.17 -4.69
C VAL B 36 4.03 1.66 -4.75
N ILE B 37 3.06 1.10 -5.46
CA ILE B 37 3.01 -0.34 -5.65
C ILE B 37 3.57 -0.55 -7.05
N ALA B 38 4.69 -1.26 -7.13
CA ALA B 38 5.35 -1.54 -8.40
C ALA B 38 4.59 -2.61 -9.17
N GLN B 39 4.78 -2.60 -10.49
CA GLN B 39 4.11 -3.56 -11.36
C GLN B 39 4.29 -4.99 -10.87
N ASP B 40 5.33 -5.25 -10.07
CA ASP B 40 5.56 -6.59 -9.57
C ASP B 40 4.97 -6.82 -8.19
N GLY B 41 4.10 -5.91 -7.76
CA GLY B 41 3.47 -6.07 -6.46
C GLY B 41 4.26 -5.60 -5.27
N ARG B 42 5.56 -5.37 -5.44
CA ARG B 42 6.41 -4.89 -4.36
C ARG B 42 6.14 -3.41 -4.14
N TRP B 43 6.22 -2.96 -2.90
CA TRP B 43 5.97 -1.56 -2.57
C TRP B 43 7.24 -0.71 -2.52
N LEU B 44 7.08 0.57 -2.83
CA LEU B 44 8.16 1.55 -2.79
C LEU B 44 7.74 2.70 -1.88
N LEU B 45 8.41 2.83 -0.75
CA LEU B 45 8.13 3.92 0.19
C LEU B 45 9.18 5.01 0.06
N GLY B 46 9.27 5.87 1.08
CA GLY B 46 10.24 6.93 1.09
C GLY B 46 10.46 7.68 -0.21
N GLU B 47 11.74 7.93 -0.53
CA GLU B 47 12.10 8.66 -1.74
C GLU B 47 12.05 7.79 -2.99
N LYS B 48 12.26 6.49 -2.83
CA LYS B 48 12.21 5.60 -3.98
C LYS B 48 10.84 5.75 -4.64
N ALA B 49 9.81 5.94 -3.82
CA ALA B 49 8.44 6.11 -4.29
C ALA B 49 8.33 7.28 -5.26
N LEU B 50 8.83 8.44 -4.84
CA LEU B 50 8.80 9.65 -5.67
C LEU B 50 9.73 9.55 -6.88
N THR B 51 10.85 8.86 -6.73
CA THR B 51 11.78 8.71 -7.84
C THR B 51 11.05 7.94 -8.94
N ALA B 52 10.17 7.04 -8.54
CA ALA B 52 9.39 6.27 -9.48
C ALA B 52 8.31 7.19 -10.05
N LEU B 53 7.72 8.00 -9.17
CA LEU B 53 6.66 8.94 -9.58
C LEU B 53 7.20 9.91 -10.61
N GLU B 54 8.53 10.00 -10.68
CA GLU B 54 9.18 10.89 -11.63
C GLU B 54 9.51 10.16 -12.94
N ALA B 55 9.65 8.84 -12.85
CA ALA B 55 9.98 8.02 -14.01
C ALA B 55 8.78 7.59 -14.85
N LYS B 56 7.57 7.85 -14.34
CA LYS B 56 6.32 7.50 -15.03
C LYS B 56 5.98 6.01 -15.10
N ALA B 57 6.65 5.19 -14.30
CA ALA B 57 6.39 3.75 -14.27
C ALA B 57 7.37 3.09 -13.31
N ALA B 58 6.87 2.19 -12.48
CA ALA B 58 7.71 1.49 -11.50
C ALA B 58 7.73 -0.01 -11.74
N PRO B 59 8.59 -0.47 -12.66
CA PRO B 59 8.72 -1.90 -12.99
C PRO B 59 8.77 -2.81 -11.78
N GLU B 60 9.67 -2.49 -10.83
CA GLU B 60 9.81 -3.31 -9.63
C GLU B 60 9.88 -2.50 -8.33
N GLY B 61 9.52 -3.16 -7.22
CA GLY B 61 9.51 -2.51 -5.92
C GLY B 61 10.42 -3.15 -4.90
N GLU B 62 10.44 -2.59 -3.70
CA GLU B 62 11.31 -3.07 -2.63
C GLU B 62 10.67 -3.97 -1.57
N HIS B 63 9.55 -3.54 -1.00
CA HIS B 63 8.90 -4.32 0.05
C HIS B 63 7.77 -5.24 -0.37
N PRO B 64 7.84 -6.52 0.05
CA PRO B 64 6.79 -7.47 -0.29
C PRO B 64 5.55 -7.09 0.50
N PHE B 65 4.36 -7.35 -0.05
CA PHE B 65 3.14 -7.04 0.65
C PHE B 65 3.02 -8.06 1.79
N PRO B 66 2.61 -7.62 3.00
CA PRO B 66 2.28 -6.25 3.41
C PRO B 66 3.54 -5.46 3.74
N PRO B 67 3.66 -4.23 3.22
CA PRO B 67 4.80 -3.32 3.42
C PRO B 67 4.98 -2.82 4.84
N PRO B 68 6.23 -2.55 5.24
CA PRO B 68 6.60 -2.05 6.58
C PRO B 68 6.35 -0.53 6.67
N LEU B 69 5.20 -0.09 6.17
CA LEU B 69 4.83 1.31 6.17
C LEU B 69 4.39 1.79 7.56
N SER B 70 4.48 3.10 7.78
CA SER B 70 4.10 3.69 9.07
C SER B 70 2.68 4.23 9.04
N TRP B 71 1.71 3.33 8.98
CA TRP B 71 0.30 3.74 8.93
C TRP B 71 -0.07 4.67 10.07
N GLU B 72 0.75 4.67 11.13
CA GLU B 72 0.51 5.52 12.29
C GLU B 72 0.48 6.99 11.92
N ARG B 73 1.41 7.39 11.06
CA ARG B 73 1.57 8.76 10.60
C ARG B 73 0.41 9.39 9.84
N TYR B 74 -0.57 8.59 9.40
CA TYR B 74 -1.66 9.16 8.60
C TYR B 74 -3.06 9.13 9.16
N ASP B 75 -3.81 10.18 8.83
CA ASP B 75 -5.19 10.32 9.28
C ASP B 75 -6.10 9.70 8.24
N VAL B 76 -5.69 9.84 6.98
CA VAL B 76 -6.46 9.34 5.86
C VAL B 76 -5.55 8.84 4.75
N VAL B 77 -5.95 7.72 4.14
CA VAL B 77 -5.21 7.10 3.05
C VAL B 77 -6.00 7.34 1.77
N PHE B 78 -5.32 7.80 0.73
CA PHE B 78 -5.98 8.08 -0.53
C PHE B 78 -5.51 7.07 -1.58
N PRO B 79 -6.30 6.00 -1.79
CA PRO B 79 -5.93 4.99 -2.79
C PRO B 79 -6.19 5.52 -4.20
N LEU B 80 -5.25 5.30 -5.10
CA LEU B 80 -5.40 5.79 -6.46
C LEU B 80 -5.16 4.68 -7.47
N LEU B 81 -5.33 3.44 -7.02
CA LEU B 81 -5.13 2.27 -7.86
C LEU B 81 -6.35 1.95 -8.74
N HIS B 82 -6.12 1.26 -9.86
CA HIS B 82 -7.20 0.93 -10.78
C HIS B 82 -7.43 -0.57 -10.93
N GLY B 83 -8.64 -0.95 -11.33
CA GLY B 83 -8.97 -2.34 -11.54
C GLY B 83 -8.59 -3.30 -10.43
N ARG B 84 -8.17 -4.50 -10.82
CA ARG B 84 -7.77 -5.54 -9.88
C ARG B 84 -6.77 -4.98 -8.89
N PHE B 85 -7.02 -5.22 -7.61
CA PHE B 85 -6.15 -4.73 -6.54
C PHE B 85 -6.14 -3.21 -6.51
N GLY B 86 -7.24 -2.62 -6.93
CA GLY B 86 -7.36 -1.18 -6.94
C GLY B 86 -8.74 -0.79 -6.44
N GLU B 87 -9.74 -0.95 -7.28
CA GLU B 87 -11.11 -0.61 -6.92
C GLU B 87 -11.99 -1.86 -6.91
N ASP B 88 -11.43 -2.98 -6.45
CA ASP B 88 -12.16 -4.23 -6.40
C ASP B 88 -12.44 -4.62 -4.94
N GLY B 89 -12.06 -3.76 -4.01
CA GLY B 89 -12.28 -4.05 -2.60
C GLY B 89 -11.14 -4.70 -1.83
N THR B 90 -10.18 -5.30 -2.51
CA THR B 90 -9.06 -5.97 -1.81
C THR B 90 -8.24 -5.00 -0.96
N VAL B 91 -7.72 -3.95 -1.60
CA VAL B 91 -6.92 -2.97 -0.89
C VAL B 91 -7.78 -2.35 0.23
N GLN B 92 -9.03 -2.02 -0.08
CA GLN B 92 -9.95 -1.44 0.91
C GLN B 92 -10.08 -2.29 2.18
N GLY B 93 -10.15 -3.60 2.03
CA GLY B 93 -10.27 -4.46 3.18
C GLY B 93 -8.99 -4.42 3.99
N PHE B 94 -7.86 -4.37 3.29
CA PHE B 94 -6.57 -4.30 3.95
C PHE B 94 -6.65 -3.09 4.86
N LEU B 95 -7.03 -1.96 4.27
CA LEU B 95 -7.14 -0.72 5.02
C LEU B 95 -8.09 -0.86 6.21
N GLU B 96 -9.22 -1.56 6.02
CA GLU B 96 -10.16 -1.72 7.12
C GLU B 96 -9.46 -2.46 8.25
N LEU B 97 -8.67 -3.47 7.90
CA LEU B 97 -7.95 -4.26 8.90
C LEU B 97 -6.90 -3.44 9.63
N LEU B 98 -6.29 -2.50 8.92
CA LEU B 98 -5.28 -1.64 9.50
C LEU B 98 -5.98 -0.51 10.27
N GLY B 99 -7.29 -0.41 10.11
CA GLY B 99 -8.06 0.61 10.81
C GLY B 99 -7.82 2.02 10.31
N LYS B 100 -7.41 2.16 9.05
CA LYS B 100 -7.15 3.46 8.47
C LYS B 100 -8.31 4.02 7.64
N PRO B 101 -8.72 5.26 7.92
CA PRO B 101 -9.81 5.86 7.15
C PRO B 101 -9.29 6.04 5.74
N TYR B 102 -10.14 5.81 4.74
CA TYR B 102 -9.68 6.00 3.37
C TYR B 102 -10.69 6.64 2.44
N VAL B 103 -10.14 7.33 1.46
CA VAL B 103 -10.89 8.02 0.42
C VAL B 103 -11.53 7.00 -0.53
N GLY B 104 -12.76 7.31 -0.94
CA GLY B 104 -13.47 6.44 -1.87
C GLY B 104 -14.36 5.35 -1.30
N ALA B 105 -14.77 4.48 -2.21
CA ALA B 105 -15.68 3.37 -1.92
C ALA B 105 -15.11 2.33 -0.99
N GLY B 106 -15.99 1.74 -0.18
CA GLY B 106 -15.61 0.69 0.74
C GLY B 106 -15.54 -0.63 0.02
N VAL B 107 -15.26 -1.68 0.77
CA VAL B 107 -15.12 -3.05 0.24
C VAL B 107 -16.29 -3.47 -0.62
N ALA B 108 -17.45 -3.61 0.01
CA ALA B 108 -18.67 -4.05 -0.68
C ALA B 108 -18.92 -3.26 -1.95
N ALA B 109 -19.07 -1.95 -1.84
CA ALA B 109 -19.33 -1.13 -3.02
C ALA B 109 -18.24 -1.19 -4.11
N SER B 110 -16.98 -1.39 -3.73
CA SER B 110 -15.92 -1.46 -4.74
C SER B 110 -16.05 -2.80 -5.47
N ALA B 111 -16.27 -3.87 -4.73
CA ALA B 111 -16.42 -5.18 -5.35
C ALA B 111 -17.64 -5.28 -6.29
N LEU B 112 -18.77 -4.70 -5.86
CA LEU B 112 -19.99 -4.74 -6.68
C LEU B 112 -19.83 -3.92 -7.94
N CYS B 113 -19.34 -2.69 -7.78
CA CYS B 113 -19.14 -1.81 -8.91
C CYS B 113 -18.09 -2.34 -9.88
N MET B 114 -17.17 -3.17 -9.38
CA MET B 114 -16.13 -3.73 -10.22
C MET B 114 -16.59 -4.93 -11.04
N ASP B 115 -17.64 -5.61 -10.58
CA ASP B 115 -18.18 -6.78 -11.28
C ASP B 115 -19.30 -6.39 -12.23
N LYS B 116 -19.06 -6.58 -13.52
CA LYS B 116 -20.04 -6.22 -14.54
C LYS B 116 -21.36 -7.00 -14.52
N ASP B 117 -21.42 -8.12 -13.82
CA ASP B 117 -22.65 -8.91 -13.76
C ASP B 117 -23.51 -8.52 -12.54
N LEU B 118 -22.98 -8.76 -11.34
CA LEU B 118 -23.68 -8.43 -10.11
C LEU B 118 -24.17 -6.99 -10.01
N SER B 119 -23.36 -6.04 -10.49
CA SER B 119 -23.76 -4.64 -10.41
C SER B 119 -24.94 -4.38 -11.33
N LYS B 120 -24.97 -5.04 -12.48
CA LYS B 120 -26.11 -4.85 -13.37
C LYS B 120 -27.36 -5.43 -12.72
N ARG B 121 -27.22 -6.59 -12.09
CA ARG B 121 -28.35 -7.23 -11.42
C ARG B 121 -28.92 -6.33 -10.32
N VAL B 122 -28.04 -5.63 -9.60
CA VAL B 122 -28.50 -4.74 -8.54
C VAL B 122 -29.20 -3.50 -9.11
N LEU B 123 -28.63 -2.93 -10.15
CA LEU B 123 -29.18 -1.73 -10.77
C LEU B 123 -30.49 -2.04 -11.48
N ALA B 124 -30.51 -3.12 -12.27
CA ALA B 124 -31.71 -3.51 -12.97
C ALA B 124 -32.82 -3.58 -11.92
N GLN B 125 -32.58 -4.42 -10.90
CA GLN B 125 -33.50 -4.63 -9.80
C GLN B 125 -34.01 -3.33 -9.21
N ALA B 126 -33.13 -2.32 -9.12
CA ALA B 126 -33.49 -1.03 -8.54
C ALA B 126 -34.04 -0.01 -9.54
N GLY B 127 -34.45 -0.47 -10.72
CA GLY B 127 -35.02 0.45 -11.68
C GLY B 127 -34.07 1.29 -12.52
N VAL B 128 -32.77 1.05 -12.42
CA VAL B 128 -31.83 1.81 -13.25
C VAL B 128 -31.67 1.03 -14.55
N PRO B 129 -31.80 1.71 -15.68
CA PRO B 129 -31.65 1.01 -16.95
C PRO B 129 -30.22 0.58 -17.22
N VAL B 130 -30.06 -0.65 -17.72
CA VAL B 130 -28.75 -1.18 -18.05
C VAL B 130 -28.89 -1.91 -19.37
N VAL B 131 -27.78 -2.14 -20.06
CA VAL B 131 -27.80 -2.82 -21.34
C VAL B 131 -28.20 -4.29 -21.17
N PRO B 132 -29.09 -4.79 -22.04
CA PRO B 132 -29.52 -6.19 -21.98
C PRO B 132 -28.29 -7.08 -22.00
N TRP B 133 -28.10 -7.86 -20.96
CA TRP B 133 -26.91 -8.71 -20.91
C TRP B 133 -27.15 -10.11 -20.36
N VAL B 134 -26.11 -10.92 -20.39
CA VAL B 134 -26.16 -12.28 -19.89
C VAL B 134 -24.79 -12.60 -19.32
N ALA B 135 -24.75 -13.45 -18.31
CA ALA B 135 -23.48 -13.82 -17.71
C ALA B 135 -23.19 -15.25 -18.13
N VAL B 136 -21.93 -15.53 -18.43
CA VAL B 136 -21.54 -16.85 -18.85
C VAL B 136 -20.38 -17.34 -18.02
N ARG B 137 -20.66 -18.34 -17.17
CA ARG B 137 -19.64 -18.92 -16.32
C ARG B 137 -18.83 -19.89 -17.16
N LYS B 138 -17.54 -19.97 -16.86
CA LYS B 138 -16.62 -20.87 -17.55
C LYS B 138 -17.18 -22.29 -17.47
N GLY B 139 -17.32 -22.95 -18.62
CA GLY B 139 -17.83 -24.31 -18.63
C GLY B 139 -19.33 -24.36 -18.75
N GLU B 140 -19.96 -23.19 -18.69
CA GLU B 140 -21.40 -23.10 -18.80
C GLU B 140 -21.79 -22.83 -20.26
N PRO B 141 -22.79 -23.56 -20.78
CA PRO B 141 -23.27 -23.40 -22.16
C PRO B 141 -23.86 -22.01 -22.45
N PRO B 142 -23.21 -21.24 -23.33
CA PRO B 142 -23.69 -19.89 -23.67
C PRO B 142 -25.15 -19.85 -24.13
N VAL B 143 -25.86 -18.79 -23.75
CA VAL B 143 -27.26 -18.61 -24.12
C VAL B 143 -27.59 -17.12 -24.22
N VAL B 144 -27.47 -16.58 -25.42
CA VAL B 144 -27.74 -15.18 -25.65
C VAL B 144 -29.18 -14.96 -26.15
N PRO B 145 -30.07 -14.43 -25.29
CA PRO B 145 -31.47 -14.18 -25.63
C PRO B 145 -31.63 -12.97 -26.56
N PHE B 146 -30.60 -12.68 -27.34
CA PHE B 146 -30.63 -11.57 -28.29
C PHE B 146 -29.59 -11.80 -29.38
N ASP B 147 -29.86 -11.27 -30.57
CA ASP B 147 -28.96 -11.46 -31.71
C ASP B 147 -27.78 -10.50 -31.68
N PRO B 148 -26.70 -10.87 -32.38
CA PRO B 148 -25.51 -10.01 -32.42
C PRO B 148 -25.88 -8.69 -33.08
N PRO B 149 -24.93 -7.74 -33.14
CA PRO B 149 -23.57 -7.90 -32.62
C PRO B 149 -23.63 -7.60 -31.14
N PHE B 150 -22.57 -7.95 -30.41
CA PHE B 150 -22.57 -7.67 -28.99
C PHE B 150 -21.17 -7.64 -28.41
N PHE B 151 -21.08 -7.27 -27.13
CA PHE B 151 -19.80 -7.19 -26.45
C PHE B 151 -19.61 -8.32 -25.44
N VAL B 152 -18.40 -8.86 -25.39
CA VAL B 152 -18.04 -9.93 -24.47
C VAL B 152 -16.83 -9.43 -23.70
N LYS B 153 -16.92 -9.44 -22.38
CA LYS B 153 -15.83 -8.98 -21.55
C LYS B 153 -15.91 -9.68 -20.21
N PRO B 154 -14.76 -10.00 -19.61
CA PRO B 154 -14.78 -10.68 -18.31
C PRO B 154 -15.58 -9.88 -17.29
N ALA B 155 -16.31 -10.61 -16.43
CA ALA B 155 -17.15 -10.01 -15.41
C ALA B 155 -16.53 -8.85 -14.64
N ASN B 156 -15.34 -9.04 -14.10
CA ASN B 156 -14.70 -7.95 -13.34
C ASN B 156 -13.21 -7.81 -13.56
N THR B 157 -12.87 -7.00 -14.55
CA THR B 157 -11.48 -6.75 -14.86
C THR B 157 -11.37 -5.41 -15.57
N GLY B 158 -10.90 -4.42 -14.81
CA GLY B 158 -10.72 -3.05 -15.31
C GLY B 158 -9.99 -2.94 -16.64
N SER B 159 -10.11 -1.79 -17.29
CA SER B 159 -9.48 -1.58 -18.58
C SER B 159 -10.03 -2.60 -19.58
N SER B 160 -10.06 -2.21 -20.86
CA SER B 160 -10.58 -3.10 -21.88
C SER B 160 -9.65 -4.28 -22.15
N VAL B 161 -9.19 -4.93 -21.09
CA VAL B 161 -8.31 -6.07 -21.23
C VAL B 161 -9.11 -7.37 -21.26
N GLY B 162 -9.36 -7.87 -22.47
CA GLY B 162 -10.11 -9.10 -22.62
C GLY B 162 -11.43 -8.90 -23.33
N ILE B 163 -11.78 -7.65 -23.59
CA ILE B 163 -13.04 -7.32 -24.25
C ILE B 163 -12.94 -7.54 -25.75
N SER B 164 -14.08 -7.57 -26.43
CA SER B 164 -14.14 -7.76 -27.87
C SER B 164 -15.56 -7.58 -28.40
N ARG B 165 -15.66 -7.03 -29.61
CA ARG B 165 -16.96 -6.82 -30.23
C ARG B 165 -17.20 -8.04 -31.11
N VAL B 166 -18.36 -8.66 -30.96
CA VAL B 166 -18.68 -9.87 -31.73
C VAL B 166 -19.82 -9.66 -32.72
N GLU B 167 -19.53 -9.91 -33.99
CA GLU B 167 -20.49 -9.73 -35.07
C GLU B 167 -21.32 -10.98 -35.38
N ARG B 168 -20.65 -12.11 -35.54
CA ARG B 168 -21.32 -13.36 -35.87
C ARG B 168 -21.54 -14.27 -34.67
N PHE B 169 -22.77 -14.75 -34.51
CA PHE B 169 -23.13 -15.63 -33.41
C PHE B 169 -22.20 -16.84 -33.31
N GLN B 170 -21.46 -17.11 -34.39
CA GLN B 170 -20.55 -18.23 -34.44
C GLN B 170 -19.27 -17.94 -33.68
N ASP B 171 -18.77 -16.72 -33.85
CA ASP B 171 -17.53 -16.27 -33.22
C ASP B 171 -17.63 -16.08 -31.69
N LEU B 172 -18.84 -16.22 -31.15
CA LEU B 172 -19.05 -16.05 -29.71
C LEU B 172 -18.18 -16.97 -28.85
N GLU B 173 -17.83 -18.14 -29.38
CA GLU B 173 -17.01 -19.09 -28.65
C GLU B 173 -15.59 -18.55 -28.45
N ALA B 174 -15.09 -17.83 -29.45
CA ALA B 174 -13.75 -17.27 -29.35
C ALA B 174 -13.76 -16.16 -28.31
N ALA B 175 -14.79 -15.33 -28.36
CA ALA B 175 -14.92 -14.22 -27.43
C ALA B 175 -14.85 -14.71 -25.99
N LEU B 176 -15.71 -15.67 -25.65
CA LEU B 176 -15.73 -16.20 -24.30
C LEU B 176 -14.34 -16.70 -23.90
N ALA B 177 -13.82 -17.64 -24.67
CA ALA B 177 -12.50 -18.22 -24.41
C ALA B 177 -11.50 -17.13 -24.02
N LEU B 178 -11.43 -16.09 -24.84
CA LEU B 178 -10.53 -14.97 -24.60
C LEU B 178 -10.80 -14.39 -23.21
N ALA B 179 -12.02 -13.89 -23.02
CA ALA B 179 -12.43 -13.29 -21.76
C ALA B 179 -12.21 -14.20 -20.57
N PHE B 180 -12.40 -15.51 -20.77
CA PHE B 180 -12.23 -16.47 -19.69
C PHE B 180 -10.80 -16.46 -19.15
N ARG B 181 -9.88 -15.95 -19.95
CA ARG B 181 -8.48 -15.87 -19.56
C ARG B 181 -8.28 -14.97 -18.35
N TYR B 182 -9.15 -13.98 -18.20
CA TYR B 182 -9.03 -13.04 -17.09
C TYR B 182 -10.10 -13.17 -16.03
N ASP B 183 -11.04 -14.09 -16.22
CA ASP B 183 -12.11 -14.27 -15.23
C ASP B 183 -12.92 -15.54 -15.47
N GLU B 184 -13.35 -16.18 -14.39
CA GLU B 184 -14.15 -17.40 -14.52
C GLU B 184 -15.50 -17.07 -15.14
N LYS B 185 -16.03 -15.88 -14.82
CA LYS B 185 -17.32 -15.43 -15.33
C LYS B 185 -17.15 -14.34 -16.39
N ALA B 186 -18.07 -14.28 -17.34
CA ALA B 186 -17.98 -13.28 -18.39
C ALA B 186 -19.35 -12.73 -18.73
N VAL B 187 -19.40 -11.56 -19.35
CA VAL B 187 -20.66 -10.97 -19.74
C VAL B 187 -20.78 -10.73 -21.23
N VAL B 188 -21.99 -10.95 -21.75
CA VAL B 188 -22.29 -10.75 -23.16
C VAL B 188 -23.37 -9.68 -23.13
N GLU B 189 -23.04 -8.49 -23.64
CA GLU B 189 -23.98 -7.37 -23.66
C GLU B 189 -24.35 -7.00 -25.09
N LYS B 190 -25.63 -6.73 -25.31
CA LYS B 190 -26.13 -6.31 -26.62
C LYS B 190 -25.39 -5.05 -27.01
N ALA B 191 -24.67 -5.08 -28.13
CA ALA B 191 -23.92 -3.92 -28.59
C ALA B 191 -24.85 -2.84 -29.13
N LEU B 192 -24.66 -1.61 -28.68
CA LEU B 192 -25.46 -0.49 -29.11
C LEU B 192 -24.73 0.29 -30.21
N SER B 193 -25.53 0.87 -31.10
CA SER B 193 -25.04 1.66 -32.24
C SER B 193 -26.23 2.02 -33.12
N PRO B 194 -26.42 3.32 -33.41
CA PRO B 194 -25.59 4.44 -32.96
C PRO B 194 -25.56 4.51 -31.42
N VAL B 195 -24.55 5.19 -30.88
CA VAL B 195 -24.42 5.31 -29.43
C VAL B 195 -23.53 6.46 -29.00
N ARG B 196 -24.04 7.26 -28.08
CA ARG B 196 -23.30 8.40 -27.53
C ARG B 196 -22.89 8.05 -26.11
N GLU B 197 -21.75 8.59 -25.68
CA GLU B 197 -21.28 8.33 -24.33
C GLU B 197 -21.39 9.58 -23.49
N LEU B 198 -22.07 9.44 -22.35
CA LEU B 198 -22.25 10.56 -21.44
C LEU B 198 -21.57 10.26 -20.11
N GLU B 199 -20.89 11.24 -19.54
CA GLU B 199 -20.19 11.07 -18.28
C GLU B 199 -20.71 12.02 -17.23
N VAL B 200 -20.76 11.55 -15.99
CA VAL B 200 -21.19 12.41 -14.90
C VAL B 200 -20.46 11.98 -13.65
N GLY B 201 -20.03 12.97 -12.86
CA GLY B 201 -19.31 12.65 -11.64
C GLY B 201 -20.14 12.84 -10.38
N VAL B 202 -19.85 12.05 -9.37
CA VAL B 202 -20.56 12.14 -8.10
C VAL B 202 -19.59 12.31 -6.94
N LEU B 203 -19.95 13.18 -5.99
CA LEU B 203 -19.13 13.44 -4.83
C LEU B 203 -20.01 13.30 -3.60
N GLY B 204 -19.48 12.73 -2.53
CA GLY B 204 -20.28 12.57 -1.32
C GLY B 204 -20.43 11.14 -0.85
N ASN B 205 -20.88 10.96 0.38
CA ASN B 205 -21.06 9.62 0.92
C ASN B 205 -22.51 9.20 0.81
N VAL B 206 -22.78 8.19 -0.03
CA VAL B 206 -24.11 7.65 -0.25
C VAL B 206 -25.10 8.60 -0.92
N PHE B 207 -25.32 9.76 -0.31
CA PHE B 207 -26.20 10.77 -0.90
C PHE B 207 -25.23 11.84 -1.39
N GLY B 208 -24.75 11.69 -2.61
CA GLY B 208 -23.80 12.66 -3.12
C GLY B 208 -24.40 13.64 -4.09
N GLU B 209 -23.59 14.56 -4.56
CA GLU B 209 -24.08 15.52 -5.52
C GLU B 209 -23.52 15.17 -6.88
N ALA B 210 -24.26 15.55 -7.91
CA ALA B 210 -23.87 15.28 -9.29
C ALA B 210 -23.27 16.51 -9.93
N SER B 211 -22.23 16.30 -10.71
CA SER B 211 -21.57 17.39 -11.41
C SER B 211 -22.34 17.57 -12.71
N PRO B 212 -21.98 18.58 -13.52
CA PRO B 212 -22.70 18.74 -14.78
C PRO B 212 -22.48 17.48 -15.59
N VAL B 213 -23.20 17.32 -16.69
CA VAL B 213 -23.05 16.13 -17.53
C VAL B 213 -22.17 16.41 -18.73
N GLY B 214 -21.28 15.50 -19.04
CA GLY B 214 -20.40 15.68 -20.19
C GLY B 214 -20.49 14.57 -21.22
N GLU B 215 -20.11 14.88 -22.46
CA GLU B 215 -20.17 13.88 -23.53
C GLU B 215 -18.78 13.58 -24.11
N VAL B 216 -18.50 12.31 -24.32
CA VAL B 216 -17.24 11.91 -24.89
C VAL B 216 -17.42 11.58 -26.37
N ARG B 217 -16.73 12.33 -27.22
CA ARG B 217 -16.79 12.13 -28.65
C ARG B 217 -15.40 11.82 -29.16
N TYR B 218 -15.27 10.85 -30.05
CA TYR B 218 -13.95 10.50 -30.57
C TYR B 218 -13.73 11.04 -31.96
N GLU B 219 -12.53 11.57 -32.20
CA GLU B 219 -12.18 12.11 -33.51
C GLU B 219 -11.62 10.97 -34.36
N ALA B 220 -11.63 11.16 -35.67
CA ALA B 220 -11.15 10.14 -36.62
C ALA B 220 -9.76 9.60 -36.31
N PRO B 221 -9.44 8.39 -36.82
CA PRO B 221 -8.13 7.78 -36.61
C PRO B 221 -7.09 8.53 -37.47
N PHE B 222 -5.85 8.58 -37.02
CA PHE B 222 -4.82 9.31 -37.76
C PHE B 222 -3.41 8.92 -37.37
N TYR B 229 -1.60 3.16 -37.40
CA TYR B 229 -2.97 3.78 -37.28
C TYR B 229 -3.29 3.96 -35.79
N THR B 230 -3.48 5.21 -35.38
CA THR B 230 -3.79 5.56 -34.00
C THR B 230 -5.19 6.13 -33.87
N PRO B 231 -5.90 5.80 -32.79
CA PRO B 231 -7.25 6.33 -32.60
C PRO B 231 -7.17 7.83 -32.36
N GLY B 232 -8.26 8.55 -32.68
CA GLY B 232 -8.27 9.99 -32.53
C GLY B 232 -8.45 10.53 -31.12
N ARG B 233 -8.03 11.78 -30.94
CA ARG B 233 -8.15 12.46 -29.65
C ARG B 233 -9.60 12.46 -29.21
N ALA B 234 -9.86 11.94 -28.01
CA ALA B 234 -11.21 11.91 -27.47
C ALA B 234 -11.59 13.30 -26.98
N GLU B 235 -12.80 13.74 -27.29
CA GLU B 235 -13.23 15.05 -26.87
C GLU B 235 -13.95 14.95 -25.53
N LEU B 236 -14.02 16.07 -24.83
CA LEU B 236 -14.66 16.14 -23.53
C LEU B 236 -15.64 17.31 -23.56
N LEU B 237 -16.67 17.19 -24.40
CA LEU B 237 -17.66 18.25 -24.53
C LEU B 237 -18.48 18.43 -23.27
N ILE B 238 -18.43 19.63 -22.71
CA ILE B 238 -19.19 19.95 -21.51
C ILE B 238 -19.32 21.47 -21.42
N PRO B 239 -20.55 21.97 -21.20
CA PRO B 239 -21.80 21.20 -21.04
C PRO B 239 -22.07 20.30 -22.24
N ALA B 240 -22.55 19.09 -21.98
CA ALA B 240 -22.86 18.17 -23.06
C ALA B 240 -24.12 18.66 -23.75
N PRO B 241 -24.21 18.46 -25.09
CA PRO B 241 -25.38 18.88 -25.87
C PRO B 241 -26.62 18.00 -25.75
N LEU B 242 -27.28 18.06 -24.61
CA LEU B 242 -28.50 17.29 -24.36
C LEU B 242 -29.55 18.25 -23.86
N ASP B 243 -30.79 18.09 -24.31
CA ASP B 243 -31.86 18.95 -23.81
C ASP B 243 -31.73 18.85 -22.29
N PRO B 244 -32.07 19.93 -21.58
CA PRO B 244 -31.97 19.89 -20.11
C PRO B 244 -32.69 18.69 -19.51
N GLY B 245 -33.68 18.19 -20.23
CA GLY B 245 -34.45 17.05 -19.75
C GLY B 245 -33.61 15.82 -19.51
N THR B 246 -33.02 15.30 -20.58
CA THR B 246 -32.19 14.10 -20.49
C THR B 246 -30.98 14.27 -19.59
N GLN B 247 -30.40 15.47 -19.57
CA GLN B 247 -29.24 15.72 -18.73
C GLN B 247 -29.59 15.51 -17.25
N GLU B 248 -30.75 16.02 -16.84
CA GLU B 248 -31.19 15.87 -15.46
C GLU B 248 -31.43 14.40 -15.18
N THR B 249 -32.18 13.75 -16.05
CA THR B 249 -32.47 12.32 -15.94
C THR B 249 -31.17 11.57 -15.70
N VAL B 250 -30.15 11.88 -16.51
CA VAL B 250 -28.86 11.23 -16.38
C VAL B 250 -28.26 11.43 -15.00
N GLN B 251 -28.36 12.65 -14.49
CA GLN B 251 -27.82 12.96 -13.16
C GLN B 251 -28.56 12.27 -12.03
N GLU B 252 -29.89 12.29 -12.08
CA GLU B 252 -30.65 11.67 -11.01
C GLU B 252 -30.46 10.16 -11.06
N LEU B 253 -30.29 9.61 -12.25
CA LEU B 253 -30.08 8.17 -12.38
C LEU B 253 -28.76 7.77 -11.71
N ALA B 254 -27.74 8.59 -11.92
CA ALA B 254 -26.42 8.35 -11.33
C ALA B 254 -26.51 8.42 -9.81
N LEU B 255 -27.16 9.47 -9.30
CA LEU B 255 -27.30 9.66 -7.86
C LEU B 255 -28.05 8.49 -7.20
N LYS B 256 -29.01 7.93 -7.94
CA LYS B 256 -29.80 6.81 -7.46
C LYS B 256 -28.94 5.55 -7.42
N ALA B 257 -28.14 5.32 -8.47
CA ALA B 257 -27.29 4.13 -8.50
C ALA B 257 -26.22 4.24 -7.43
N TYR B 258 -25.77 5.47 -7.21
CA TYR B 258 -24.75 5.77 -6.22
C TYR B 258 -25.33 5.42 -4.85
N LYS B 259 -26.62 5.72 -4.67
CA LYS B 259 -27.27 5.43 -3.39
C LYS B 259 -27.45 3.94 -3.08
N VAL B 260 -28.15 3.20 -3.95
CA VAL B 260 -28.37 1.80 -3.66
C VAL B 260 -27.10 0.96 -3.51
N LEU B 261 -26.02 1.37 -4.17
CA LEU B 261 -24.76 0.64 -4.10
C LEU B 261 -23.91 1.07 -2.90
N GLY B 262 -24.38 2.08 -2.18
CA GLY B 262 -23.69 2.56 -1.01
C GLY B 262 -22.29 3.07 -1.25
N VAL B 263 -22.10 3.78 -2.35
CA VAL B 263 -20.80 4.30 -2.69
C VAL B 263 -20.36 5.46 -1.78
N ARG B 264 -19.06 5.59 -1.58
CA ARG B 264 -18.53 6.65 -0.75
C ARG B 264 -17.44 7.46 -1.45
N GLY B 265 -17.39 8.75 -1.15
CA GLY B 265 -16.39 9.60 -1.73
C GLY B 265 -16.64 10.04 -3.16
N MET B 266 -16.40 9.15 -4.11
CA MET B 266 -16.58 9.50 -5.51
C MET B 266 -16.92 8.34 -6.46
N ALA B 267 -17.30 8.70 -7.67
CA ALA B 267 -17.62 7.74 -8.71
C ALA B 267 -17.74 8.45 -10.05
N ARG B 268 -17.15 7.86 -11.08
CA ARG B 268 -17.25 8.42 -12.40
C ARG B 268 -18.32 7.51 -13.01
N VAL B 269 -19.53 8.03 -13.19
CA VAL B 269 -20.61 7.22 -13.74
C VAL B 269 -20.77 7.43 -15.25
N ASP B 270 -20.59 6.35 -16.00
CA ASP B 270 -20.66 6.34 -17.47
C ASP B 270 -22.03 5.89 -17.97
N PHE B 271 -22.56 6.59 -18.97
CA PHE B 271 -23.86 6.25 -19.56
C PHE B 271 -23.78 6.07 -21.08
N PHE B 272 -24.68 5.23 -21.60
CA PHE B 272 -24.78 4.99 -23.04
C PHE B 272 -26.10 5.61 -23.47
N LEU B 273 -26.08 6.38 -24.56
CA LEU B 273 -27.31 6.98 -25.07
C LEU B 273 -27.54 6.45 -26.49
N ALA B 274 -28.49 5.53 -26.62
CA ALA B 274 -28.80 4.93 -27.91
C ALA B 274 -30.30 4.94 -28.23
N GLU B 275 -30.64 5.54 -29.37
CA GLU B 275 -32.03 5.61 -29.80
C GLU B 275 -32.91 6.25 -28.73
N GLY B 276 -32.42 7.34 -28.15
CA GLY B 276 -33.20 8.04 -27.14
C GLY B 276 -33.26 7.40 -25.77
N GLU B 277 -32.76 6.18 -25.63
CA GLU B 277 -32.78 5.49 -24.35
C GLU B 277 -31.46 5.57 -23.59
N LEU B 278 -31.53 5.71 -22.28
CA LEU B 278 -30.33 5.78 -21.45
C LEU B 278 -30.01 4.44 -20.80
N TYR B 279 -28.73 4.19 -20.61
CA TYR B 279 -28.28 2.97 -19.96
C TYR B 279 -27.04 3.34 -19.16
N LEU B 280 -26.99 2.89 -17.92
CA LEU B 280 -25.82 3.16 -17.09
C LEU B 280 -24.85 2.04 -17.42
N ASN B 281 -23.67 2.42 -17.93
CA ASN B 281 -22.66 1.44 -18.29
C ASN B 281 -21.90 0.95 -17.05
N GLU B 282 -21.30 1.87 -16.30
CA GLU B 282 -20.57 1.49 -15.10
C GLU B 282 -20.23 2.64 -14.19
N LEU B 283 -19.97 2.32 -12.92
CA LEU B 283 -19.58 3.31 -11.93
C LEU B 283 -18.10 3.04 -11.65
N ASN B 284 -17.27 4.05 -11.77
CA ASN B 284 -15.85 3.89 -11.51
C ASN B 284 -15.58 4.53 -10.15
N THR B 285 -15.30 3.72 -9.16
CA THR B 285 -15.05 4.21 -7.81
C THR B 285 -13.78 5.03 -7.68
N ILE B 286 -12.83 4.79 -8.57
CA ILE B 286 -11.58 5.55 -8.54
C ILE B 286 -11.24 6.01 -9.95
N PRO B 287 -11.76 7.17 -10.34
CA PRO B 287 -11.47 7.67 -11.68
C PRO B 287 -10.08 8.27 -11.86
N GLY B 288 -9.75 8.62 -13.10
CA GLY B 288 -8.46 9.23 -13.39
C GLY B 288 -8.40 10.57 -12.69
N PHE B 289 -7.25 10.89 -12.08
CA PHE B 289 -7.16 12.15 -11.37
C PHE B 289 -6.13 13.17 -11.82
N THR B 290 -5.77 13.19 -13.10
CA THR B 290 -4.83 14.21 -13.52
C THR B 290 -5.71 15.45 -13.49
N PRO B 291 -5.09 16.64 -13.40
CA PRO B 291 -5.92 17.86 -13.37
C PRO B 291 -6.71 18.02 -14.67
N THR B 292 -6.34 17.22 -15.68
CA THR B 292 -7.00 17.24 -16.97
C THR B 292 -7.74 15.95 -17.30
N SER B 293 -8.14 15.22 -16.25
CA SER B 293 -8.88 13.97 -16.39
C SER B 293 -10.38 14.29 -16.40
N MET B 294 -11.15 13.34 -16.91
CA MET B 294 -12.60 13.47 -17.03
C MET B 294 -13.35 13.86 -15.75
N TYR B 295 -13.03 13.22 -14.63
CA TYR B 295 -13.70 13.49 -13.35
C TYR B 295 -13.45 14.90 -12.79
N PRO B 296 -12.18 15.26 -12.55
CA PRO B 296 -11.92 16.60 -12.02
C PRO B 296 -12.39 17.69 -12.97
N ARG B 297 -12.29 17.45 -14.26
CA ARG B 297 -12.73 18.44 -15.25
C ARG B 297 -14.24 18.60 -15.17
N LEU B 298 -14.92 17.50 -14.88
CA LEU B 298 -16.37 17.52 -14.76
C LEU B 298 -16.76 18.41 -13.58
N PHE B 299 -16.17 18.16 -12.42
CA PHE B 299 -16.51 18.98 -11.26
C PHE B 299 -16.04 20.42 -11.35
N GLU B 300 -14.89 20.66 -11.99
CA GLU B 300 -14.40 22.02 -12.15
C GLU B 300 -15.50 22.79 -12.83
N ALA B 301 -16.13 22.13 -13.80
CA ALA B 301 -17.23 22.72 -14.54
C ALA B 301 -18.42 22.90 -13.61
N GLY B 302 -18.52 22.04 -12.60
CA GLY B 302 -19.61 22.14 -11.66
C GLY B 302 -19.35 23.24 -10.64
N GLY B 303 -18.13 23.76 -10.65
CA GLY B 303 -17.78 24.82 -9.72
C GLY B 303 -16.85 24.40 -8.60
N VAL B 304 -16.13 23.28 -8.78
CA VAL B 304 -15.22 22.81 -7.76
C VAL B 304 -13.81 22.70 -8.29
N ALA B 305 -12.93 23.57 -7.78
CA ALA B 305 -11.54 23.58 -8.21
C ALA B 305 -10.86 22.27 -7.86
N TYR B 306 -9.78 21.96 -8.57
CA TYR B 306 -9.06 20.74 -8.31
C TYR B 306 -8.75 20.61 -6.83
N PRO B 307 -8.10 21.63 -6.23
CA PRO B 307 -7.72 21.64 -4.81
C PRO B 307 -8.90 21.38 -3.89
N GLU B 308 -9.97 22.14 -4.09
CA GLU B 308 -11.15 21.99 -3.28
C GLU B 308 -11.74 20.58 -3.40
N LEU B 309 -11.71 20.03 -4.60
CA LEU B 309 -12.21 18.69 -4.85
C LEU B 309 -11.44 17.68 -3.99
N LEU B 310 -10.12 17.79 -4.00
CA LEU B 310 -9.27 16.90 -3.21
C LEU B 310 -9.50 17.07 -1.71
N ARG B 311 -9.68 18.31 -1.28
CA ARG B 311 -9.89 18.60 0.13
C ARG B 311 -11.18 17.97 0.60
N ARG B 312 -12.23 18.09 -0.22
CA ARG B 312 -13.53 17.54 0.12
C ARG B 312 -13.47 16.01 0.16
N LEU B 313 -12.74 15.41 -0.78
CA LEU B 313 -12.60 13.97 -0.81
C LEU B 313 -11.94 13.45 0.45
N VAL B 314 -10.79 14.02 0.80
CA VAL B 314 -10.06 13.61 2.00
C VAL B 314 -10.89 13.76 3.27
N GLU B 315 -11.62 14.87 3.39
CA GLU B 315 -12.47 15.09 4.56
C GLU B 315 -13.57 14.05 4.64
N LEU B 316 -14.13 13.72 3.48
CA LEU B 316 -15.21 12.74 3.40
C LEU B 316 -14.82 11.36 3.93
N ALA B 317 -13.53 11.06 3.85
CA ALA B 317 -13.02 9.78 4.31
C ALA B 317 -13.10 9.66 5.83
N LEU B 318 -13.57 10.72 6.48
CA LEU B 318 -13.67 10.74 7.93
C LEU B 318 -15.10 10.91 8.45
N THR B 319 -16.03 11.24 7.56
CA THR B 319 -17.42 11.42 7.97
C THR B 319 -18.28 10.24 7.55
N MET C 1 57.16 -4.73 2.89
CA MET C 1 55.99 -3.87 3.20
C MET C 1 55.13 -3.68 1.95
N ARG C 2 54.04 -4.43 1.84
CA ARG C 2 53.16 -4.28 0.69
C ARG C 2 51.87 -3.54 1.06
N VAL C 3 51.49 -2.61 0.19
CA VAL C 3 50.29 -1.79 0.39
C VAL C 3 49.25 -2.00 -0.70
N LEU C 4 48.00 -2.16 -0.26
CA LEU C 4 46.85 -2.28 -1.15
C LEU C 4 46.11 -0.95 -1.15
N LEU C 5 45.89 -0.40 -2.32
CA LEU C 5 45.20 0.88 -2.45
C LEU C 5 43.74 0.64 -2.89
N ILE C 6 42.76 1.28 -2.23
CA ILE C 6 41.36 1.13 -2.62
C ILE C 6 40.79 2.46 -3.11
N ALA C 7 40.47 2.54 -4.40
CA ALA C 7 39.95 3.78 -4.94
C ALA C 7 38.65 3.61 -5.72
N GLY C 8 38.05 4.74 -6.09
CA GLY C 8 36.80 4.72 -6.82
C GLY C 8 35.67 5.00 -5.84
N GLY C 9 34.93 3.96 -5.48
CA GLY C 9 33.84 4.14 -4.55
C GLY C 9 32.54 4.42 -5.27
N VAL C 10 31.43 4.21 -4.57
CA VAL C 10 30.11 4.40 -5.16
C VAL C 10 29.58 5.84 -5.04
N SER C 11 30.33 6.71 -4.38
CA SER C 11 29.94 8.10 -4.18
C SER C 11 30.16 8.99 -5.42
N PRO C 12 29.69 10.25 -5.35
CA PRO C 12 29.83 11.22 -6.45
C PRO C 12 31.23 11.72 -6.70
N GLU C 13 32.16 11.45 -5.78
CA GLU C 13 33.51 11.92 -5.97
C GLU C 13 34.37 10.79 -6.50
N HIS C 14 33.71 9.88 -7.23
CA HIS C 14 34.33 8.71 -7.83
C HIS C 14 35.57 9.06 -8.68
N GLU C 15 35.42 10.00 -9.60
CA GLU C 15 36.54 10.42 -10.44
C GLU C 15 37.70 10.91 -9.60
N VAL C 16 37.38 11.73 -8.60
CA VAL C 16 38.38 12.29 -7.70
C VAL C 16 39.21 11.22 -7.00
N SER C 17 38.53 10.21 -6.47
CA SER C 17 39.20 9.13 -5.77
C SER C 17 40.28 8.56 -6.68
N LEU C 18 39.91 8.28 -7.93
CA LEU C 18 40.84 7.74 -8.91
C LEU C 18 41.99 8.68 -9.25
N LEU C 19 41.69 9.96 -9.43
CA LEU C 19 42.72 10.92 -9.76
C LEU C 19 43.73 11.02 -8.62
N SER C 20 43.26 10.88 -7.39
CA SER C 20 44.13 10.94 -6.24
C SER C 20 44.93 9.64 -6.19
N ALA C 21 44.25 8.52 -6.43
CA ALA C 21 44.91 7.21 -6.43
C ALA C 21 46.02 7.20 -7.47
N GLU C 22 45.87 8.00 -8.51
CA GLU C 22 46.87 8.06 -9.55
C GLU C 22 48.12 8.77 -9.03
N GLY C 23 47.91 9.80 -8.21
CA GLY C 23 49.01 10.53 -7.63
C GLY C 23 49.77 9.69 -6.61
N VAL C 24 49.03 8.98 -5.78
CA VAL C 24 49.63 8.12 -4.78
C VAL C 24 50.42 7.01 -5.45
N LEU C 25 49.82 6.43 -6.49
CA LEU C 25 50.43 5.33 -7.22
C LEU C 25 51.82 5.61 -7.81
N ARG C 26 52.11 6.86 -8.13
CA ARG C 26 53.41 7.17 -8.71
C ARG C 26 54.31 8.05 -7.83
N HIS C 27 54.25 7.81 -6.53
CA HIS C 27 55.04 8.58 -5.57
C HIS C 27 55.18 7.84 -4.25
N ILE C 28 54.50 6.71 -4.13
CA ILE C 28 54.56 5.95 -2.91
C ILE C 28 55.82 5.06 -2.96
N PRO C 29 56.66 5.11 -1.91
CA PRO C 29 57.90 4.34 -1.83
C PRO C 29 57.73 2.87 -1.46
N PHE C 30 56.51 2.34 -1.54
CA PHE C 30 56.26 0.95 -1.21
C PHE C 30 55.62 0.23 -2.38
N PRO C 31 55.80 -1.10 -2.46
CA PRO C 31 55.18 -1.86 -3.56
C PRO C 31 53.67 -1.70 -3.33
N THR C 32 52.95 -1.21 -4.33
CA THR C 32 51.51 -1.00 -4.16
C THR C 32 50.57 -1.52 -5.24
N ASP C 33 49.58 -2.29 -4.81
CA ASP C 33 48.58 -2.84 -5.70
C ASP C 33 47.32 -1.99 -5.58
N LEU C 34 46.58 -1.87 -6.67
CA LEU C 34 45.34 -1.10 -6.71
C LEU C 34 44.13 -2.03 -6.77
N ALA C 35 43.01 -1.57 -6.20
CA ALA C 35 41.73 -2.30 -6.20
C ALA C 35 40.68 -1.22 -6.32
N VAL C 36 39.97 -1.22 -7.44
CA VAL C 36 38.94 -0.22 -7.68
C VAL C 36 37.53 -0.66 -7.33
N ILE C 37 36.74 0.30 -6.86
CA ILE C 37 35.35 0.05 -6.52
C ILE C 37 34.56 0.84 -7.53
N ALA C 38 33.88 0.15 -8.44
CA ALA C 38 33.10 0.80 -9.47
C ALA C 38 31.88 1.55 -8.93
N GLN C 39 31.39 2.49 -9.72
CA GLN C 39 30.24 3.31 -9.36
C GLN C 39 28.99 2.47 -9.10
N ASP C 40 28.96 1.26 -9.67
CA ASP C 40 27.84 0.36 -9.48
C ASP C 40 28.05 -0.49 -8.23
N GLY C 41 29.11 -0.19 -7.49
CA GLY C 41 29.38 -0.92 -6.26
C GLY C 41 30.24 -2.17 -6.31
N ARG C 42 30.50 -2.69 -7.50
CA ARG C 42 31.33 -3.89 -7.60
C ARG C 42 32.81 -3.55 -7.79
N TRP C 43 33.66 -4.46 -7.34
CA TRP C 43 35.10 -4.26 -7.43
C TRP C 43 35.74 -4.69 -8.74
N LEU C 44 36.87 -4.06 -9.03
CA LEU C 44 37.68 -4.36 -10.21
C LEU C 44 39.05 -4.63 -9.64
N LEU C 45 39.51 -5.88 -9.71
CA LEU C 45 40.81 -6.21 -9.17
C LEU C 45 41.93 -6.13 -10.19
N GLY C 46 43.04 -6.82 -9.88
CA GLY C 46 44.21 -6.84 -10.74
C GLY C 46 44.36 -5.81 -11.84
N GLU C 47 44.61 -6.30 -13.05
CA GLU C 47 44.81 -5.45 -14.22
C GLU C 47 43.57 -4.63 -14.59
N LYS C 48 42.40 -5.10 -14.15
CA LYS C 48 41.13 -4.42 -14.43
C LYS C 48 41.11 -3.03 -13.81
N ALA C 49 41.46 -2.97 -12.53
CA ALA C 49 41.49 -1.71 -11.80
C ALA C 49 42.45 -0.72 -12.45
N LEU C 50 43.63 -1.21 -12.82
CA LEU C 50 44.63 -0.36 -13.45
C LEU C 50 44.06 0.22 -14.73
N THR C 51 43.34 -0.61 -15.48
CA THR C 51 42.73 -0.17 -16.74
C THR C 51 41.67 0.88 -16.40
N ALA C 52 40.85 0.59 -15.40
CA ALA C 52 39.80 1.50 -14.98
C ALA C 52 40.40 2.85 -14.63
N LEU C 53 41.47 2.82 -13.84
CA LEU C 53 42.17 4.03 -13.41
C LEU C 53 42.48 4.94 -14.60
N GLU C 54 43.30 4.44 -15.53
CA GLU C 54 43.66 5.22 -16.70
C GLU C 54 42.41 5.71 -17.44
N ALA C 55 41.37 4.87 -17.46
CA ALA C 55 40.11 5.21 -18.12
C ALA C 55 39.29 6.19 -17.29
N LYS C 56 40.01 6.95 -16.47
CA LYS C 56 39.54 7.99 -15.55
C LYS C 56 38.10 7.89 -14.97
N ALA C 57 37.61 6.65 -14.81
CA ALA C 57 36.27 6.37 -14.28
C ALA C 57 35.99 4.89 -14.43
N ALA C 58 35.13 4.35 -13.57
CA ALA C 58 34.83 2.93 -13.62
C ALA C 58 33.35 2.63 -13.40
N PRO C 59 32.53 2.86 -14.42
CA PRO C 59 31.08 2.65 -14.43
C PRO C 59 30.61 1.33 -13.82
N GLU C 60 31.12 0.21 -14.31
CA GLU C 60 30.73 -1.08 -13.77
C GLU C 60 31.91 -1.89 -13.30
N GLY C 61 31.71 -2.60 -12.20
CA GLY C 61 32.76 -3.42 -11.63
C GLY C 61 32.54 -4.86 -11.99
N GLU C 62 33.35 -5.74 -11.42
CA GLU C 62 33.25 -7.16 -11.71
C GLU C 62 32.84 -8.00 -10.51
N HIS C 63 33.52 -7.85 -9.39
CA HIS C 63 33.19 -8.65 -8.22
C HIS C 63 32.25 -8.01 -7.22
N PRO C 64 31.35 -8.82 -6.65
CA PRO C 64 30.39 -8.32 -5.66
C PRO C 64 31.09 -8.30 -4.29
N PHE C 65 30.72 -7.35 -3.44
CA PHE C 65 31.33 -7.26 -2.13
C PHE C 65 30.94 -8.46 -1.26
N PRO C 66 31.90 -9.04 -0.53
CA PRO C 66 33.31 -8.66 -0.44
C PRO C 66 34.12 -9.37 -1.53
N PRO C 67 34.94 -8.62 -2.28
CA PRO C 67 35.76 -9.18 -3.36
C PRO C 67 36.62 -10.34 -2.90
N PRO C 68 36.97 -11.25 -3.84
CA PRO C 68 37.80 -12.44 -3.58
C PRO C 68 39.28 -12.10 -3.44
N LEU C 69 39.55 -10.93 -2.83
CA LEU C 69 40.89 -10.41 -2.61
C LEU C 69 41.75 -11.24 -1.65
N SER C 70 43.07 -11.16 -1.81
CA SER C 70 44.01 -11.88 -0.95
C SER C 70 44.60 -10.93 0.09
N TRP C 71 43.81 -10.61 1.12
CA TRP C 71 44.23 -9.70 2.18
C TRP C 71 45.55 -10.06 2.89
N GLU C 72 45.90 -11.34 2.92
CA GLU C 72 47.14 -11.74 3.60
C GLU C 72 48.42 -11.16 3.00
N ARG C 73 48.41 -10.92 1.70
CA ARG C 73 49.61 -10.39 1.08
C ARG C 73 49.72 -8.88 1.10
N TYR C 74 49.17 -8.29 2.15
CA TYR C 74 49.18 -6.83 2.35
C TYR C 74 49.39 -6.51 3.82
N ASP C 75 50.25 -5.54 4.09
CA ASP C 75 50.53 -5.16 5.46
C ASP C 75 49.66 -4.01 5.88
N VAL C 76 49.44 -3.11 4.93
CA VAL C 76 48.63 -1.94 5.14
C VAL C 76 47.71 -1.70 3.94
N VAL C 77 46.48 -1.27 4.26
CA VAL C 77 45.48 -0.95 3.25
C VAL C 77 45.30 0.58 3.31
N PHE C 78 45.37 1.23 2.16
CA PHE C 78 45.23 2.67 2.08
C PHE C 78 43.86 3.01 1.42
N PRO C 79 42.80 3.11 2.22
CA PRO C 79 41.49 3.43 1.65
C PRO C 79 41.54 4.85 1.12
N LEU C 80 41.00 5.05 -0.08
CA LEU C 80 41.01 6.38 -0.69
C LEU C 80 39.63 6.81 -1.19
N LEU C 81 38.58 6.18 -0.68
CA LEU C 81 37.22 6.51 -1.09
C LEU C 81 36.65 7.68 -0.31
N HIS C 82 35.92 8.57 -0.99
CA HIS C 82 35.31 9.71 -0.30
C HIS C 82 33.85 9.46 0.01
N GLY C 83 33.29 10.32 0.87
CA GLY C 83 31.90 10.24 1.26
C GLY C 83 31.28 8.92 1.67
N ARG C 84 30.01 8.76 1.31
CA ARG C 84 29.24 7.57 1.60
C ARG C 84 30.09 6.35 1.26
N PHE C 85 30.13 5.37 2.17
CA PHE C 85 30.93 4.15 1.98
C PHE C 85 32.39 4.47 1.66
N GLY C 86 32.90 5.56 2.23
CA GLY C 86 34.28 5.97 2.02
C GLY C 86 34.92 6.45 3.31
N GLU C 87 34.55 7.65 3.73
CA GLU C 87 35.08 8.25 4.96
C GLU C 87 34.01 8.34 6.04
N ASP C 88 33.20 7.28 6.15
CA ASP C 88 32.12 7.26 7.12
C ASP C 88 32.21 6.06 8.06
N GLY C 89 33.39 5.44 8.12
CA GLY C 89 33.61 4.32 9.03
C GLY C 89 33.08 2.98 8.57
N THR C 90 32.44 2.94 7.40
CA THR C 90 31.87 1.71 6.89
C THR C 90 32.95 0.75 6.35
N VAL C 91 33.76 1.23 5.41
CA VAL C 91 34.84 0.44 4.85
C VAL C 91 35.83 0.15 5.98
N GLN C 92 35.95 1.12 6.87
CA GLN C 92 36.84 1.04 8.00
C GLN C 92 36.51 -0.11 8.95
N GLY C 93 35.23 -0.29 9.23
CA GLY C 93 34.83 -1.37 10.13
C GLY C 93 35.10 -2.70 9.46
N PHE C 94 35.03 -2.69 8.14
CA PHE C 94 35.26 -3.89 7.36
C PHE C 94 36.72 -4.28 7.59
N LEU C 95 37.63 -3.35 7.27
CA LEU C 95 39.07 -3.55 7.46
C LEU C 95 39.34 -3.97 8.91
N GLU C 96 38.69 -3.33 9.87
CA GLU C 96 38.87 -3.70 11.28
C GLU C 96 38.43 -5.14 11.50
N LEU C 97 37.54 -5.65 10.65
CA LEU C 97 37.08 -7.03 10.82
C LEU C 97 38.05 -8.02 10.15
N LEU C 98 38.62 -7.60 9.03
CA LEU C 98 39.59 -8.39 8.30
C LEU C 98 40.91 -8.46 9.07
N GLY C 99 41.03 -7.68 10.15
CA GLY C 99 42.24 -7.65 10.94
C GLY C 99 43.40 -6.90 10.28
N LYS C 100 43.13 -6.16 9.21
CA LYS C 100 44.14 -5.40 8.49
C LYS C 100 44.39 -3.96 8.97
N PRO C 101 45.68 -3.54 9.06
CA PRO C 101 46.00 -2.17 9.48
C PRO C 101 45.66 -1.26 8.30
N TYR C 102 45.11 -0.08 8.57
CA TYR C 102 44.78 0.84 7.48
C TYR C 102 45.14 2.30 7.73
N VAL C 103 45.33 3.01 6.63
CA VAL C 103 45.68 4.42 6.67
C VAL C 103 44.43 5.24 6.95
N GLY C 104 44.53 6.27 7.76
CA GLY C 104 43.38 7.09 8.01
C GLY C 104 42.73 7.03 9.36
N ALA C 105 41.66 7.81 9.47
CA ALA C 105 40.85 8.04 10.65
C ALA C 105 40.31 6.94 11.57
N GLY C 106 39.61 5.94 11.03
CA GLY C 106 39.06 4.95 11.95
C GLY C 106 37.53 5.05 11.98
N VAL C 107 36.83 4.01 12.42
CA VAL C 107 35.37 4.02 12.43
C VAL C 107 34.72 5.23 13.11
N ALA C 108 34.94 5.37 14.41
CA ALA C 108 34.37 6.49 15.15
C ALA C 108 34.74 7.88 14.65
N ALA C 109 36.03 8.15 14.43
CA ALA C 109 36.39 9.49 13.97
C ALA C 109 35.82 9.74 12.57
N SER C 110 35.87 8.71 11.73
CA SER C 110 35.36 8.84 10.36
C SER C 110 33.86 9.13 10.35
N ALA C 111 33.09 8.33 11.09
CA ALA C 111 31.66 8.51 11.15
C ALA C 111 31.32 9.90 11.68
N LEU C 112 32.04 10.31 12.71
CA LEU C 112 31.82 11.58 13.37
C LEU C 112 32.20 12.79 12.54
N CYS C 113 33.38 12.76 11.95
CA CYS C 113 33.81 13.89 11.16
C CYS C 113 32.93 14.06 9.93
N MET C 114 32.28 12.99 9.51
CA MET C 114 31.42 13.06 8.33
C MET C 114 30.08 13.70 8.65
N ASP C 115 29.65 13.62 9.89
CA ASP C 115 28.39 14.19 10.31
C ASP C 115 28.48 15.67 10.72
N LYS C 116 27.91 16.52 9.88
CA LYS C 116 27.93 17.95 10.11
C LYS C 116 27.25 18.40 11.40
N ASP C 117 26.32 17.61 11.91
CA ASP C 117 25.63 17.95 13.15
C ASP C 117 26.43 17.48 14.37
N LEU C 118 26.66 16.16 14.46
CA LEU C 118 27.41 15.60 15.60
C LEU C 118 28.84 16.14 15.79
N SER C 119 29.56 16.39 14.71
CA SER C 119 30.91 16.92 14.83
C SER C 119 30.90 18.33 15.40
N LYS C 120 29.92 19.14 15.00
CA LYS C 120 29.84 20.50 15.55
C LYS C 120 29.45 20.50 17.03
N ARG C 121 28.70 19.47 17.46
CA ARG C 121 28.30 19.36 18.86
C ARG C 121 29.54 19.05 19.70
N VAL C 122 30.26 18.00 19.30
CA VAL C 122 31.49 17.61 19.98
C VAL C 122 32.45 18.80 20.03
N LEU C 123 32.68 19.43 18.88
CA LEU C 123 33.62 20.56 18.87
C LEU C 123 33.12 21.73 19.71
N ALA C 124 31.82 21.99 19.65
CA ALA C 124 31.26 23.10 20.41
C ALA C 124 31.49 22.94 21.90
N GLN C 125 31.17 21.77 22.45
CA GLN C 125 31.38 21.58 23.86
C GLN C 125 32.87 21.55 24.17
N ALA C 126 33.69 21.18 23.20
CA ALA C 126 35.15 21.14 23.43
C ALA C 126 35.71 22.56 23.43
N GLY C 127 34.92 23.52 22.98
CA GLY C 127 35.38 24.89 22.97
C GLY C 127 35.97 25.39 21.66
N VAL C 128 35.84 24.59 20.61
CA VAL C 128 36.34 24.99 19.31
C VAL C 128 35.22 25.77 18.64
N PRO C 129 35.51 26.96 18.10
CA PRO C 129 34.48 27.76 17.44
C PRO C 129 33.91 27.19 16.12
N VAL C 130 32.58 27.07 16.05
CA VAL C 130 31.93 26.58 14.83
C VAL C 130 30.79 27.50 14.42
N VAL C 131 30.45 27.50 13.14
CA VAL C 131 29.37 28.34 12.65
C VAL C 131 28.08 28.10 13.42
N PRO C 132 27.30 29.16 13.66
CA PRO C 132 26.06 28.92 14.39
C PRO C 132 25.22 28.05 13.45
N TRP C 133 24.63 26.98 14.00
CA TRP C 133 23.84 26.08 13.17
C TRP C 133 22.73 25.46 14.01
N VAL C 134 21.94 24.63 13.35
CA VAL C 134 20.85 23.93 14.00
C VAL C 134 20.60 22.70 13.13
N ALA C 135 20.36 21.57 13.78
CA ALA C 135 20.09 20.35 13.05
C ALA C 135 18.57 20.27 12.82
N VAL C 136 18.17 19.77 11.65
CA VAL C 136 16.76 19.62 11.33
C VAL C 136 16.52 18.21 10.78
N ARG C 137 15.56 17.50 11.36
CA ARG C 137 15.27 16.15 10.91
C ARG C 137 14.00 16.03 10.06
N LYS C 138 14.05 15.14 9.08
CA LYS C 138 12.96 14.89 8.15
C LYS C 138 11.62 14.85 8.91
N GLY C 139 10.62 15.56 8.40
CA GLY C 139 9.32 15.58 9.05
C GLY C 139 9.23 16.62 10.16
N GLU C 140 10.23 16.61 11.03
CA GLU C 140 10.29 17.56 12.14
C GLU C 140 10.34 18.98 11.58
N PRO C 141 9.43 19.84 12.04
CA PRO C 141 9.36 21.23 11.59
C PRO C 141 10.56 22.07 12.06
N PRO C 142 11.21 22.78 11.12
CA PRO C 142 12.38 23.64 11.34
C PRO C 142 12.25 24.60 12.51
N VAL C 143 13.39 24.99 13.07
CA VAL C 143 13.44 25.93 14.19
C VAL C 143 14.78 26.64 14.17
N VAL C 144 14.97 27.46 13.13
CA VAL C 144 16.19 28.23 12.93
C VAL C 144 16.18 29.53 13.76
N PRO C 145 17.04 29.62 14.78
CA PRO C 145 17.15 30.78 15.67
C PRO C 145 18.05 31.92 15.20
N PHE C 146 18.18 32.10 13.89
CA PHE C 146 19.00 33.20 13.38
C PHE C 146 18.53 33.59 11.99
N ASP C 147 18.81 34.83 11.62
CA ASP C 147 18.41 35.37 10.33
C ASP C 147 19.29 34.95 9.18
N PRO C 148 18.71 34.84 7.97
CA PRO C 148 19.43 34.45 6.77
C PRO C 148 20.51 35.49 6.44
N PRO C 149 21.33 35.23 5.41
CA PRO C 149 21.26 34.03 4.58
C PRO C 149 21.74 32.83 5.38
N PHE C 150 21.59 31.64 4.82
CA PHE C 150 22.07 30.44 5.48
C PHE C 150 22.08 29.21 4.60
N PHE C 151 23.12 28.39 4.76
CA PHE C 151 23.31 27.17 3.97
C PHE C 151 22.56 25.97 4.53
N VAL C 152 21.86 25.26 3.65
CA VAL C 152 21.11 24.07 4.05
C VAL C 152 21.74 22.89 3.36
N LYS C 153 22.48 22.08 4.12
CA LYS C 153 23.16 20.91 3.59
C LYS C 153 22.67 19.65 4.30
N PRO C 154 22.73 18.50 3.63
CA PRO C 154 22.28 17.27 4.28
C PRO C 154 23.32 16.88 5.34
N ALA C 155 22.85 16.46 6.52
CA ALA C 155 23.72 16.12 7.64
C ALA C 155 25.07 15.49 7.30
N ASN C 156 25.06 14.32 6.66
CA ASN C 156 26.32 13.70 6.30
C ASN C 156 26.28 12.85 5.04
N THR C 157 26.69 13.46 3.94
CA THR C 157 26.73 12.80 2.65
C THR C 157 27.91 13.36 1.87
N GLY C 158 28.52 12.50 1.05
CA GLY C 158 29.66 12.94 0.26
C GLY C 158 29.35 14.05 -0.71
N SER C 159 30.40 14.71 -1.20
CA SER C 159 30.27 15.80 -2.16
C SER C 159 29.38 16.92 -1.64
N SER C 160 28.82 17.71 -2.55
CA SER C 160 27.95 18.83 -2.18
C SER C 160 26.53 18.67 -2.70
N VAL C 161 25.98 17.47 -2.55
CA VAL C 161 24.61 17.21 -3.01
C VAL C 161 23.58 17.66 -1.98
N GLY C 162 22.52 18.32 -2.45
CA GLY C 162 21.47 18.79 -1.57
C GLY C 162 21.76 20.12 -0.89
N ILE C 163 22.94 20.68 -1.14
CA ILE C 163 23.35 21.95 -0.56
C ILE C 163 22.77 23.13 -1.31
N SER C 164 22.58 24.25 -0.60
CA SER C 164 22.01 25.45 -1.20
C SER C 164 22.05 26.64 -0.23
N ARG C 165 22.11 27.84 -0.80
CA ARG C 165 22.14 29.09 -0.02
C ARG C 165 20.73 29.68 0.02
N VAL C 166 20.28 30.07 1.21
CA VAL C 166 18.94 30.63 1.38
C VAL C 166 18.94 32.09 1.84
N GLU C 167 18.24 32.95 1.09
CA GLU C 167 18.15 34.37 1.40
C GLU C 167 16.98 34.74 2.31
N ARG C 168 15.93 33.92 2.32
CA ARG C 168 14.74 34.17 3.15
C ARG C 168 14.04 32.86 3.51
N PHE C 169 13.51 32.79 4.73
CA PHE C 169 12.82 31.58 5.20
C PHE C 169 11.84 31.00 4.19
N GLN C 170 11.40 31.84 3.27
CA GLN C 170 10.44 31.43 2.25
C GLN C 170 10.95 30.22 1.47
N ASP C 171 12.27 30.11 1.35
CA ASP C 171 12.86 29.00 0.60
C ASP C 171 13.31 27.83 1.47
N LEU C 172 13.57 28.10 2.74
CA LEU C 172 14.02 27.06 3.67
C LEU C 172 13.32 25.74 3.43
N GLU C 173 12.00 25.77 3.38
CA GLU C 173 11.21 24.56 3.17
C GLU C 173 11.68 23.78 1.94
N ALA C 174 11.89 24.49 0.85
CA ALA C 174 12.32 23.89 -0.40
C ALA C 174 13.70 23.25 -0.28
N ALA C 175 14.62 23.98 0.37
CA ALA C 175 16.00 23.54 0.58
C ALA C 175 16.07 22.23 1.37
N LEU C 176 15.46 22.24 2.56
CA LEU C 176 15.46 21.05 3.40
C LEU C 176 14.87 19.90 2.60
N ALA C 177 13.79 20.19 1.89
CA ALA C 177 13.11 19.20 1.07
C ALA C 177 14.11 18.47 0.20
N LEU C 178 15.02 19.24 -0.40
CA LEU C 178 16.05 18.70 -1.27
C LEU C 178 17.02 17.82 -0.51
N ALA C 179 17.56 18.35 0.58
CA ALA C 179 18.53 17.64 1.40
C ALA C 179 18.01 16.29 1.85
N PHE C 180 16.74 16.24 2.25
CA PHE C 180 16.12 15.01 2.72
C PHE C 180 16.07 13.89 1.66
N ARG C 181 16.30 14.26 0.40
CA ARG C 181 16.31 13.27 -0.67
C ARG C 181 17.68 12.62 -0.70
N TYR C 182 18.51 13.00 0.27
CA TYR C 182 19.86 12.49 0.40
C TYR C 182 20.14 12.00 1.81
N ASP C 183 19.57 12.69 2.80
CA ASP C 183 19.81 12.34 4.18
C ASP C 183 18.58 12.57 5.08
N GLU C 184 18.37 11.67 6.02
CA GLU C 184 17.25 11.75 6.94
C GLU C 184 17.41 12.93 7.90
N LYS C 185 18.59 13.55 7.90
CA LYS C 185 18.88 14.69 8.76
C LYS C 185 19.67 15.74 8.00
N ALA C 186 19.43 17.01 8.34
CA ALA C 186 20.14 18.08 7.69
C ALA C 186 20.50 19.15 8.69
N VAL C 187 21.30 20.12 8.25
CA VAL C 187 21.71 21.22 9.10
C VAL C 187 21.48 22.56 8.38
N VAL C 188 21.32 23.62 9.16
CA VAL C 188 21.14 24.94 8.62
C VAL C 188 22.19 25.80 9.29
N GLU C 189 23.05 26.41 8.47
CA GLU C 189 24.14 27.23 8.99
C GLU C 189 24.10 28.70 8.59
N LYS C 190 24.33 29.56 9.57
CA LYS C 190 24.36 30.97 9.31
C LYS C 190 25.46 31.18 8.26
N ALA C 191 25.09 31.73 7.11
CA ALA C 191 26.06 31.98 6.05
C ALA C 191 26.93 33.17 6.46
N LEU C 192 28.23 33.05 6.21
CA LEU C 192 29.16 34.12 6.55
C LEU C 192 29.49 34.89 5.28
N SER C 193 29.50 36.21 5.38
CA SER C 193 29.82 37.05 4.23
C SER C 193 30.07 38.47 4.71
N PRO C 194 31.21 39.05 4.33
CA PRO C 194 32.23 38.43 3.49
C PRO C 194 32.82 37.27 4.28
N VAL C 195 33.59 36.42 3.62
CA VAL C 195 34.19 35.29 4.33
C VAL C 195 35.45 34.81 3.65
N ARG C 196 36.42 34.36 4.42
CA ARG C 196 37.65 33.83 3.86
C ARG C 196 37.80 32.36 4.26
N GLU C 197 38.35 31.59 3.34
CA GLU C 197 38.55 30.16 3.56
C GLU C 197 40.00 29.83 3.86
N LEU C 198 40.23 29.26 5.04
CA LEU C 198 41.58 28.89 5.42
C LEU C 198 41.66 27.38 5.57
N GLU C 199 42.79 26.80 5.18
CA GLU C 199 42.94 25.36 5.29
C GLU C 199 44.26 24.97 5.90
N VAL C 200 44.21 23.92 6.70
CA VAL C 200 45.41 23.43 7.37
C VAL C 200 45.43 21.89 7.37
N GLY C 201 46.63 21.33 7.25
CA GLY C 201 46.75 19.90 7.25
C GLY C 201 47.29 19.42 8.57
N VAL C 202 46.90 18.20 8.96
CA VAL C 202 47.37 17.56 10.18
C VAL C 202 47.84 16.13 9.83
N LEU C 203 48.87 15.67 10.54
CA LEU C 203 49.46 14.36 10.29
C LEU C 203 49.79 13.73 11.62
N GLY C 204 49.47 12.45 11.79
CA GLY C 204 49.78 11.76 13.04
C GLY C 204 48.59 11.11 13.70
N ASN C 205 48.83 10.31 14.73
CA ASN C 205 47.74 9.66 15.44
C ASN C 205 47.37 10.42 16.72
N VAL C 206 46.18 11.01 16.72
CA VAL C 206 45.65 11.76 17.86
C VAL C 206 46.43 13.03 18.17
N PHE C 207 47.72 12.89 18.52
CA PHE C 207 48.49 14.10 18.76
C PHE C 207 49.19 14.34 17.46
N GLY C 208 48.68 15.30 16.72
CA GLY C 208 49.25 15.54 15.43
C GLY C 208 50.12 16.76 15.29
N GLU C 209 50.71 16.86 14.12
CA GLU C 209 51.57 17.94 13.71
C GLU C 209 50.76 18.70 12.66
N ALA C 210 50.85 20.03 12.70
CA ALA C 210 50.11 20.85 11.77
C ALA C 210 51.03 21.37 10.69
N SER C 211 50.48 21.60 9.51
CA SER C 211 51.24 22.11 8.40
C SER C 211 51.06 23.63 8.43
N PRO C 212 51.62 24.33 7.44
CA PRO C 212 51.47 25.80 7.40
C PRO C 212 50.03 26.04 6.94
N VAL C 213 49.48 27.20 7.24
CA VAL C 213 48.11 27.49 6.84
C VAL C 213 48.02 27.97 5.39
N GLY C 214 47.05 27.41 4.66
CA GLY C 214 46.86 27.82 3.28
C GLY C 214 45.54 28.57 3.18
N GLU C 215 45.40 29.40 2.15
CA GLU C 215 44.15 30.12 1.96
C GLU C 215 43.62 29.77 0.57
N VAL C 216 42.30 29.77 0.42
CA VAL C 216 41.69 29.46 -0.86
C VAL C 216 41.05 30.71 -1.42
N ARG C 217 41.22 30.91 -2.72
CA ARG C 217 40.68 32.07 -3.41
C ARG C 217 40.11 31.57 -4.74
N TYR C 218 38.89 31.99 -5.06
CA TYR C 218 38.28 31.60 -6.32
C TYR C 218 38.44 32.72 -7.34
N GLU C 219 38.86 32.36 -8.55
CA GLU C 219 39.03 33.36 -9.60
C GLU C 219 37.68 33.60 -10.28
N ALA C 220 37.55 34.73 -10.97
CA ALA C 220 36.31 35.07 -11.66
C ALA C 220 35.84 33.99 -12.64
N PRO C 221 34.52 33.96 -12.93
CA PRO C 221 33.92 32.99 -13.85
C PRO C 221 33.99 33.45 -15.30
N GLY C 232 34.53 29.79 -12.33
CA GLY C 232 35.92 30.10 -12.06
C GLY C 232 36.73 28.91 -11.58
N ARG C 233 37.92 29.17 -11.04
CA ARG C 233 38.80 28.12 -10.53
C ARG C 233 39.46 28.59 -9.26
N ALA C 234 39.84 27.64 -8.40
CA ALA C 234 40.47 27.97 -7.13
C ALA C 234 41.99 28.01 -7.20
N GLU C 235 42.58 28.63 -6.19
CA GLU C 235 44.03 28.74 -6.06
C GLU C 235 44.33 28.58 -4.58
N LEU C 236 45.51 28.07 -4.26
CA LEU C 236 45.91 27.83 -2.88
C LEU C 236 47.06 28.74 -2.48
N LEU C 237 46.73 29.86 -1.85
CA LEU C 237 47.76 30.80 -1.41
C LEU C 237 48.50 30.21 -0.21
N ILE C 238 49.78 29.93 -0.39
CA ILE C 238 50.59 29.37 0.68
C ILE C 238 51.90 30.16 0.76
N PRO C 239 52.18 30.80 1.91
CA PRO C 239 51.33 30.82 3.10
C PRO C 239 50.10 31.67 2.84
N ALA C 240 49.17 31.64 3.79
CA ALA C 240 47.96 32.43 3.65
C ALA C 240 48.28 33.87 4.02
N PRO C 241 47.75 34.84 3.27
CA PRO C 241 48.02 36.25 3.58
C PRO C 241 47.32 36.60 4.90
N LEU C 242 47.86 36.02 5.97
CA LEU C 242 47.34 36.19 7.32
C LEU C 242 48.37 36.77 8.28
N ASP C 243 47.89 37.26 9.42
CA ASP C 243 48.75 37.80 10.46
C ASP C 243 49.35 36.57 11.13
N PRO C 244 50.63 36.63 11.49
CA PRO C 244 51.28 35.49 12.13
C PRO C 244 50.51 34.87 13.31
N GLY C 245 49.89 35.72 14.13
CA GLY C 245 49.13 35.22 15.26
C GLY C 245 47.95 34.35 14.87
N THR C 246 47.13 34.85 13.96
CA THR C 246 45.96 34.15 13.48
C THR C 246 46.30 32.74 12.99
N GLN C 247 47.35 32.66 12.18
CA GLN C 247 47.80 31.40 11.65
C GLN C 247 48.14 30.37 12.74
N GLU C 248 48.65 30.84 13.89
CA GLU C 248 49.00 29.95 14.99
C GLU C 248 47.74 29.43 15.62
N THR C 249 46.73 30.28 15.65
CA THR C 249 45.44 29.92 16.22
C THR C 249 44.75 28.87 15.36
N VAL C 250 44.87 29.02 14.05
CA VAL C 250 44.28 28.06 13.12
C VAL C 250 44.83 26.67 13.42
N GLN C 251 46.14 26.60 13.61
CA GLN C 251 46.84 25.35 13.90
C GLN C 251 46.51 24.78 15.26
N GLU C 252 46.36 25.64 16.26
CA GLU C 252 46.04 25.17 17.59
C GLU C 252 44.65 24.56 17.57
N LEU C 253 43.72 25.26 16.94
CA LEU C 253 42.37 24.77 16.88
C LEU C 253 42.30 23.42 16.17
N ALA C 254 42.94 23.33 15.01
CA ALA C 254 42.96 22.10 14.22
C ALA C 254 43.52 20.95 15.02
N LEU C 255 44.65 21.19 15.68
CA LEU C 255 45.27 20.15 16.49
C LEU C 255 44.35 19.74 17.63
N LYS C 256 43.68 20.72 18.22
CA LYS C 256 42.79 20.46 19.34
C LYS C 256 41.60 19.61 18.90
N ALA C 257 40.92 20.01 17.83
CA ALA C 257 39.78 19.27 17.30
C ALA C 257 40.19 17.85 16.93
N TYR C 258 41.35 17.76 16.28
CA TYR C 258 41.93 16.49 15.85
C TYR C 258 42.09 15.53 17.02
N LYS C 259 42.61 16.04 18.14
CA LYS C 259 42.81 15.25 19.36
C LYS C 259 41.48 14.86 20.02
N VAL C 260 40.56 15.81 20.09
CA VAL C 260 39.28 15.51 20.72
C VAL C 260 38.54 14.46 19.93
N LEU C 261 38.53 14.59 18.61
CA LEU C 261 37.86 13.63 17.75
C LEU C 261 38.60 12.26 17.67
N GLY C 262 39.87 12.25 18.04
CA GLY C 262 40.63 11.01 17.99
C GLY C 262 41.02 10.61 16.57
N VAL C 263 41.12 11.57 15.66
CA VAL C 263 41.52 11.27 14.28
C VAL C 263 42.88 10.59 14.33
N ARG C 264 43.14 9.68 13.40
CA ARG C 264 44.40 8.96 13.41
C ARG C 264 45.35 9.14 12.25
N GLY C 265 44.87 9.07 11.02
CA GLY C 265 45.86 9.18 9.98
C GLY C 265 46.25 10.59 9.58
N MET C 266 45.27 11.27 8.98
CA MET C 266 45.44 12.59 8.46
C MET C 266 44.12 13.31 8.50
N ALA C 267 44.15 14.57 8.10
CA ALA C 267 42.93 15.37 8.00
C ALA C 267 43.25 16.72 7.42
N ARG C 268 42.36 17.20 6.56
CA ARG C 268 42.51 18.54 6.05
C ARG C 268 41.43 19.22 6.88
N VAL C 269 41.80 20.22 7.66
CA VAL C 269 40.84 20.93 8.51
C VAL C 269 40.56 22.28 7.86
N ASP C 270 39.30 22.52 7.54
CA ASP C 270 38.90 23.77 6.90
C ASP C 270 38.38 24.77 7.92
N PHE C 271 38.70 26.06 7.71
CA PHE C 271 38.22 27.10 8.62
C PHE C 271 37.55 28.26 7.86
N PHE C 272 36.82 29.08 8.59
CA PHE C 272 36.19 30.26 8.01
C PHE C 272 36.72 31.44 8.80
N LEU C 273 36.90 32.56 8.12
CA LEU C 273 37.38 33.77 8.76
C LEU C 273 36.46 34.90 8.36
N ALA C 274 35.79 35.47 9.35
CA ALA C 274 34.85 36.56 9.13
C ALA C 274 34.88 37.49 10.33
N GLU C 275 34.96 38.79 10.07
CA GLU C 275 35.00 39.76 11.16
C GLU C 275 36.17 39.47 12.11
N GLY C 276 37.24 38.89 11.58
CA GLY C 276 38.39 38.57 12.42
C GLY C 276 38.19 37.35 13.30
N GLU C 277 37.04 36.71 13.19
CA GLU C 277 36.76 35.52 13.99
C GLU C 277 36.91 34.23 13.16
N LEU C 278 37.53 33.22 13.77
CA LEU C 278 37.76 31.93 13.13
C LEU C 278 36.67 30.92 13.45
N TYR C 279 36.29 30.12 12.45
CA TYR C 279 35.28 29.07 12.64
C TYR C 279 35.77 27.80 12.00
N LEU C 280 35.77 26.70 12.74
CA LEU C 280 36.19 25.44 12.16
C LEU C 280 34.99 24.89 11.39
N ASN C 281 35.14 24.78 10.08
CA ASN C 281 34.08 24.28 9.23
C ASN C 281 34.00 22.77 9.27
N GLU C 282 35.09 22.10 8.94
CA GLU C 282 35.07 20.64 8.98
C GLU C 282 36.42 19.98 8.81
N LEU C 283 36.54 18.76 9.33
CA LEU C 283 37.76 17.99 9.19
C LEU C 283 37.49 16.96 8.12
N ASN C 284 38.37 16.87 7.13
CA ASN C 284 38.24 15.88 6.08
C ASN C 284 39.27 14.78 6.35
N THR C 285 38.79 13.60 6.73
CA THR C 285 39.68 12.49 7.03
C THR C 285 40.27 11.81 5.80
N ILE C 286 39.80 12.16 4.61
CA ILE C 286 40.36 11.59 3.39
C ILE C 286 40.39 12.66 2.32
N PRO C 287 41.35 13.58 2.41
CA PRO C 287 41.53 14.68 1.47
C PRO C 287 42.04 14.28 0.09
N GLY C 288 41.98 15.22 -0.84
CA GLY C 288 42.44 14.97 -2.20
C GLY C 288 43.91 14.62 -2.15
N PHE C 289 44.32 13.55 -2.83
CA PHE C 289 45.71 13.15 -2.78
C PHE C 289 46.55 13.28 -4.04
N THR C 290 46.18 14.22 -4.89
CA THR C 290 46.93 14.49 -6.10
C THR C 290 48.17 15.22 -5.63
N PRO C 291 49.32 15.00 -6.28
CA PRO C 291 50.49 15.73 -5.78
C PRO C 291 50.22 17.24 -5.83
N THR C 292 49.17 17.62 -6.57
CA THR C 292 48.82 19.02 -6.71
C THR C 292 47.63 19.44 -5.83
N SER C 293 47.09 18.50 -5.05
CA SER C 293 45.97 18.77 -4.15
C SER C 293 46.43 19.60 -2.93
N MET C 294 45.48 20.22 -2.23
CA MET C 294 45.80 21.06 -1.07
C MET C 294 46.51 20.35 0.11
N TYR C 295 46.04 19.18 0.51
CA TYR C 295 46.69 18.50 1.64
C TYR C 295 48.17 18.26 1.37
N PRO C 296 48.52 17.58 0.26
CA PRO C 296 49.94 17.33 0.00
C PRO C 296 50.75 18.62 -0.19
N ARG C 297 50.18 19.61 -0.86
CA ARG C 297 50.88 20.87 -1.07
C ARG C 297 51.17 21.54 0.25
N LEU C 298 50.19 21.53 1.14
CA LEU C 298 50.34 22.15 2.43
C LEU C 298 51.56 21.59 3.16
N PHE C 299 51.72 20.26 3.15
CA PHE C 299 52.86 19.66 3.82
C PHE C 299 54.17 19.81 3.08
N GLU C 300 54.10 20.01 1.76
CA GLU C 300 55.31 20.23 1.00
C GLU C 300 55.90 21.48 1.63
N ALA C 301 55.08 22.53 1.72
CA ALA C 301 55.49 23.80 2.29
C ALA C 301 55.98 23.65 3.73
N GLY C 302 55.66 22.52 4.35
CA GLY C 302 56.11 22.30 5.71
C GLY C 302 57.39 21.48 5.71
N GLY C 303 58.02 21.34 4.54
CA GLY C 303 59.24 20.58 4.46
C GLY C 303 59.07 19.07 4.33
N VAL C 304 57.84 18.61 4.10
CA VAL C 304 57.59 17.17 3.96
C VAL C 304 57.26 16.79 2.53
N ALA C 305 58.22 16.19 1.85
CA ALA C 305 58.04 15.78 0.46
C ALA C 305 56.88 14.79 0.30
N TYR C 306 56.18 14.91 -0.81
CA TYR C 306 55.06 14.05 -1.09
C TYR C 306 55.34 12.58 -0.78
N PRO C 307 56.52 12.05 -1.18
CA PRO C 307 56.84 10.63 -0.90
C PRO C 307 57.03 10.32 0.58
N GLU C 308 57.51 11.28 1.36
CA GLU C 308 57.69 11.05 2.80
C GLU C 308 56.31 11.02 3.42
N LEU C 309 55.45 11.94 2.99
CA LEU C 309 54.09 12.04 3.50
C LEU C 309 53.45 10.66 3.43
N LEU C 310 53.53 10.04 2.26
CA LEU C 310 53.00 8.71 2.07
C LEU C 310 53.71 7.75 3.01
N ARG C 311 55.04 7.85 3.07
CA ARG C 311 55.82 6.97 3.95
C ARG C 311 55.31 7.10 5.38
N ARG C 312 55.10 8.33 5.83
CA ARG C 312 54.60 8.55 7.18
C ARG C 312 53.17 8.06 7.36
N LEU C 313 52.31 8.30 6.37
CA LEU C 313 50.92 7.85 6.46
C LEU C 313 50.82 6.34 6.61
N VAL C 314 51.54 5.61 5.75
CA VAL C 314 51.53 4.14 5.78
C VAL C 314 52.05 3.59 7.10
N GLU C 315 53.08 4.21 7.65
CA GLU C 315 53.64 3.74 8.91
C GLU C 315 52.84 4.09 10.16
N LEU C 316 52.02 5.13 10.08
CA LEU C 316 51.19 5.53 11.21
C LEU C 316 50.06 4.50 11.38
N ALA C 317 49.70 3.85 10.28
CA ALA C 317 48.66 2.85 10.28
C ALA C 317 49.05 1.67 11.14
N LEU C 318 50.34 1.39 11.22
CA LEU C 318 50.80 0.26 12.02
C LEU C 318 50.91 0.69 13.49
N THR C 319 50.87 1.99 13.70
CA THR C 319 50.99 2.64 15.01
C THR C 319 52.37 2.43 15.63
#